data_7F8V
#
_entry.id   7F8V
#
_cell.length_a   1.00
_cell.length_b   1.00
_cell.length_c   1.00
_cell.angle_alpha   90.00
_cell.angle_beta   90.00
_cell.angle_gamma   90.00
#
_symmetry.space_group_name_H-M   'P 1'
#
loop_
_entity.id
_entity.type
_entity.pdbx_description
1 polymer 'Guanine nucleotide-binding protein G(i) subunit alpha-2'
2 polymer 'Guanine nucleotide-binding protein G(I)/G(S)/G(T) subunit beta-1'
3 polymer 'Guanine nucleotide-binding protein G(I)/G(S)/G(O) subunit gamma-2'
4 polymer Gastrin-17
5 polymer 'Gastrin/cholecystokinin type B receptor'
#
loop_
_entity_poly.entity_id
_entity_poly.type
_entity_poly.pdbx_seq_one_letter_code
_entity_poly.pdbx_strand_id
1 'polypeptide(L)'
;MGCTVSAEDKAAAERSKMIDKNLREDGEKAAREVKLLLLGAGESGKNTIVKQMKIIHEDGYSEEECRQYRAVVYSNTIQS
IMAIVKAMGNLQIDFADPSRADDARQLFALSCTAEEQGVLPDDLSGVIRRLWADHGVQACFGRSREYQLNDSAAYYLNDL
ERIAQSDYIPTQQDVLRTRVKTTGIVETHFTFKDLHFKMFDVGAQRSERKKWIHCFEGVTAIIFCVALSAYDLVLAEDEE
MNRMHASMKLFDSICNNKWFTDTSIILFLNKKDLFEEKITHSPLTICFPEYTGANKYDEAASYIQSKFEDLNKRKDTKEI
YTHFTCSTDTKNVQFVFDAVTDVIIKNNLKDCGLF
;
A
2 'polypeptide(L)'
;MHHHHHHGSLLQSELDQLRQEAEQLKNQIRDARKACADATLSQITNNIDPVGRIQMRTRRTLRGHLAKIYAMHWGTDSRL
LVSASQDGKLIIWDSYTTNKVHAIPLRSSWVMTCAYAPSGNYVACGGLDNICSIYNLKTREGNVRVSRELAGHTGYLSCC
RFLDDNQIVTSSGDTTCALWDIETGQQTTTFTGHTGDVMSLSLAPDTRLFVSGACDASAKLWDVREGMCRQTFTGHESDI
NAICFFPNGNAFATGSDDATCRLFDLRADQELMTYSHDNIICGITSVSFSKSGRLLLAGYDDFNCNVWDALKADRAGVLA
GHDNRVSCLGVTDDGMAVATGSWDSFLKIWN
;
B
3 'polypeptide(L)' MASNNTASIAQARKLVEQLKMEANIDRIKVSKAAADLMAYCEAHAKEDPLLTPVPASENPFREKKFFCAIL C
4 'polypeptide(L)' (PCA)GPWLEEEEEAYGWMD(NFA) E
5 'polypeptide(L)'
;DYKDDDDGAPELLKLNRSVQGTGPGPGASLCRPGAPLLNSSSVGNLSCEPPRIRGAGTRELELAIRITLYAVIFLMSVGG
NMLIIVVLGLSRRLRTVTNAFLLSLAVSDLLLAVACMPFTLLPNLMGTFIFGTVICKAVSYLMGVSVSVSTLSLVAIALE
RYSAICRPLQARVWQTRSHAARVIVATWLLSGLLMVPYPVYTVVQPVGPRVLQCVHRWPSARVRQTWSVLLLLLLFFIPG
VVMAVAYGLISRELYLGLRFDGDSDSDSQSRVRNQGGLPGAVHQNGRCRPETGAVGEDSDGCYVQLPRSRPALELTALTA
PGPGSGSRPTQAKLLAKKRVVRMLLVIVVLFFLCWLPVYSANTWRAFDGPGAHRALSGAPISFIHLLSYASACVNPLVYC
FMHRRFRQACLETCARCCPRPPRARPREFLEVLFQGPWSHPQFEKGGGSGGGSGGSAWSHPQFEK
;
R
#
# COMPACT_ATOMS: atom_id res chain seq x y z
N LYS A 10 28.67 7.28 -15.11
CA LYS A 10 28.74 6.24 -14.10
C LYS A 10 28.05 4.96 -14.59
N ALA A 11 28.81 3.87 -14.68
CA ALA A 11 28.25 2.60 -15.14
C ALA A 11 27.29 2.01 -14.12
N ALA A 12 27.60 2.14 -12.82
CA ALA A 12 26.74 1.59 -11.79
C ALA A 12 25.40 2.32 -11.74
N ALA A 13 25.40 3.63 -11.94
CA ALA A 13 24.16 4.39 -12.00
C ALA A 13 23.30 3.95 -13.19
N GLU A 14 23.93 3.73 -14.34
CA GLU A 14 23.21 3.23 -15.51
C GLU A 14 22.63 1.85 -15.25
N ARG A 15 23.40 0.98 -14.59
CA ARG A 15 22.89 -0.34 -14.24
C ARG A 15 21.70 -0.26 -13.29
N SER A 16 21.79 0.63 -12.29
CA SER A 16 20.68 0.79 -11.34
C SER A 16 19.45 1.37 -12.03
N LYS A 17 19.63 2.30 -12.98
CA LYS A 17 18.49 2.82 -13.72
C LYS A 17 17.85 1.76 -14.61
N MET A 18 18.66 0.92 -15.26
CA MET A 18 18.11 -0.18 -16.06
C MET A 18 17.37 -1.19 -15.18
N ILE A 19 17.92 -1.48 -14.00
CA ILE A 19 17.25 -2.36 -13.06
C ILE A 19 15.92 -1.77 -12.59
N ASP A 20 15.91 -0.46 -12.32
CA ASP A 20 14.67 0.18 -11.89
C ASP A 20 13.64 0.20 -13.01
N LYS A 21 14.08 0.38 -14.26
CA LYS A 21 13.17 0.27 -15.39
C LYS A 21 12.59 -1.14 -15.51
N ASN A 22 13.44 -2.15 -15.29
CA ASN A 22 12.96 -3.53 -15.30
C ASN A 22 11.94 -3.76 -14.19
N LEU A 23 12.20 -3.23 -13.01
CA LEU A 23 11.28 -3.40 -11.88
C LEU A 23 9.95 -2.71 -12.13
N ARG A 24 9.97 -1.48 -12.67
CA ARG A 24 8.72 -0.78 -12.90
C ARG A 24 7.95 -1.39 -14.07
N GLU A 25 8.63 -1.94 -15.07
CA GLU A 25 7.92 -2.67 -16.13
C GLU A 25 7.30 -3.96 -15.60
N ASP A 26 8.02 -4.66 -14.73
CA ASP A 26 7.47 -5.88 -14.12
C ASP A 26 6.28 -5.54 -13.23
N GLY A 27 6.34 -4.40 -12.53
CA GLY A 27 5.20 -3.96 -11.75
C GLY A 27 4.01 -3.57 -12.61
N GLU A 28 4.25 -2.89 -13.73
CA GLU A 28 3.17 -2.52 -14.63
C GLU A 28 2.55 -3.74 -15.30
N LYS A 29 3.33 -4.79 -15.51
CA LYS A 29 2.81 -6.04 -16.05
C LYS A 29 2.36 -7.01 -14.97
N ALA A 30 2.53 -6.66 -13.68
CA ALA A 30 2.12 -7.51 -12.58
C ALA A 30 1.08 -6.87 -11.67
N ALA A 31 0.77 -5.59 -11.85
CA ALA A 31 -0.36 -4.98 -11.15
C ALA A 31 -1.67 -5.14 -11.91
N ARG A 32 -1.63 -5.69 -13.12
CA ARG A 32 -2.81 -5.95 -13.92
C ARG A 32 -3.34 -7.37 -13.74
N GLU A 33 -2.73 -8.16 -12.88
CA GLU A 33 -3.20 -9.51 -12.59
C GLU A 33 -4.13 -9.50 -11.39
N VAL A 34 -4.91 -10.57 -11.25
CA VAL A 34 -5.97 -10.59 -10.27
C VAL A 34 -5.49 -11.09 -8.91
N LYS A 35 -4.65 -12.13 -8.89
CA LYS A 35 -4.11 -12.72 -7.66
C LYS A 35 -5.20 -13.26 -6.75
N LEU A 36 -5.87 -14.31 -7.23
CA LEU A 36 -6.87 -15.02 -6.43
C LEU A 36 -6.20 -15.96 -5.44
N LEU A 37 -6.79 -16.11 -4.28
CA LEU A 37 -6.30 -17.01 -3.23
C LEU A 37 -7.31 -18.14 -3.06
N LEU A 38 -7.01 -19.31 -3.62
CA LEU A 38 -7.90 -20.46 -3.47
C LEU A 38 -7.56 -21.14 -2.15
N LEU A 39 -8.20 -20.66 -1.08
CA LEU A 39 -8.06 -21.25 0.24
C LEU A 39 -9.34 -22.02 0.53
N GLY A 40 -9.32 -23.33 0.25
CA GLY A 40 -10.50 -24.12 0.48
C GLY A 40 -10.41 -24.97 1.73
N ALA A 41 -10.63 -26.27 1.58
CA ALA A 41 -10.49 -27.22 2.67
C ALA A 41 -10.10 -28.57 2.07
N GLY A 42 -9.66 -29.48 2.93
CA GLY A 42 -9.23 -30.78 2.46
C GLY A 42 -10.37 -31.58 1.87
N GLU A 43 -10.08 -32.26 0.75
CA GLU A 43 -11.02 -33.05 -0.07
C GLU A 43 -12.38 -32.36 -0.26
N SER A 44 -12.31 -31.08 -0.64
CA SER A 44 -13.49 -30.26 -0.85
C SER A 44 -13.69 -29.87 -2.31
N GLY A 45 -13.07 -30.60 -3.24
CA GLY A 45 -13.30 -30.34 -4.65
C GLY A 45 -12.56 -29.15 -5.23
N LYS A 46 -11.52 -28.67 -4.55
CA LYS A 46 -10.74 -27.54 -5.06
C LYS A 46 -10.00 -27.91 -6.34
N ASN A 47 -9.54 -29.16 -6.44
CA ASN A 47 -8.78 -29.60 -7.61
C ASN A 47 -9.64 -29.55 -8.86
N THR A 48 -10.96 -29.80 -8.71
CA THR A 48 -11.88 -29.64 -9.83
C THR A 48 -11.88 -28.22 -10.35
N ILE A 49 -11.91 -27.24 -9.44
CA ILE A 49 -11.82 -25.83 -9.82
C ILE A 49 -10.49 -25.54 -10.48
N VAL A 50 -9.42 -26.19 -10.01
CA VAL A 50 -8.10 -26.02 -10.64
C VAL A 50 -8.12 -26.51 -12.08
N LYS A 51 -8.72 -27.69 -12.32
CA LYS A 51 -8.74 -28.24 -13.68
C LYS A 51 -9.64 -27.44 -14.62
N GLN A 52 -10.73 -26.87 -14.12
CA GLN A 52 -11.47 -25.90 -14.93
C GLN A 52 -10.99 -24.46 -14.75
N MET A 53 -9.93 -24.25 -13.95
CA MET A 53 -9.23 -22.97 -13.83
C MET A 53 -10.13 -21.83 -13.36
N THR A 183 6.39 -27.88 -2.27
CA THR A 183 4.95 -28.04 -2.46
C THR A 183 4.17 -27.40 -1.32
N GLY A 184 4.32 -26.08 -1.18
CA GLY A 184 3.57 -25.34 -0.19
C GLY A 184 2.55 -24.40 -0.81
N ILE A 185 2.90 -23.82 -1.95
CA ILE A 185 2.02 -22.95 -2.70
C ILE A 185 2.02 -23.42 -4.15
N VAL A 186 0.82 -23.66 -4.70
CA VAL A 186 0.66 -24.07 -6.09
C VAL A 186 0.05 -22.90 -6.85
N GLU A 187 0.70 -22.51 -7.95
CA GLU A 187 0.33 -21.34 -8.71
C GLU A 187 -0.31 -21.78 -10.03
N THR A 188 -1.51 -21.28 -10.31
CA THR A 188 -2.20 -21.55 -11.56
C THR A 188 -2.49 -20.24 -12.26
N HIS A 189 -1.97 -20.08 -13.47
CA HIS A 189 -2.10 -18.83 -14.21
C HIS A 189 -2.93 -19.08 -15.47
N PHE A 190 -3.98 -18.28 -15.65
CA PHE A 190 -4.83 -18.46 -16.82
C PHE A 190 -5.43 -17.13 -17.25
N THR A 191 -5.59 -16.96 -18.56
CA THR A 191 -6.13 -15.75 -19.14
C THR A 191 -7.55 -16.02 -19.64
N PHE A 192 -8.51 -15.29 -19.09
CA PHE A 192 -9.90 -15.37 -19.53
C PHE A 192 -10.38 -13.98 -19.90
N LYS A 193 -10.91 -13.84 -21.11
CA LYS A 193 -11.43 -12.59 -21.65
C LYS A 193 -10.40 -11.46 -21.56
N ASP A 194 -9.16 -11.81 -21.91
CA ASP A 194 -8.01 -10.89 -21.86
C ASP A 194 -7.75 -10.36 -20.46
N LEU A 195 -8.08 -11.15 -19.43
CA LEU A 195 -7.74 -10.83 -18.06
C LEU A 195 -6.91 -11.97 -17.48
N HIS A 196 -5.79 -11.62 -16.84
CA HIS A 196 -4.85 -12.61 -16.33
C HIS A 196 -5.16 -12.91 -14.86
N PHE A 197 -5.24 -14.19 -14.53
CA PHE A 197 -5.61 -14.65 -13.20
C PHE A 197 -4.49 -15.52 -12.65
N LYS A 198 -4.06 -15.22 -11.42
CA LYS A 198 -3.04 -16.00 -10.74
C LYS A 198 -3.66 -16.56 -9.46
N MET A 199 -3.63 -17.88 -9.30
CA MET A 199 -4.40 -18.56 -8.28
C MET A 199 -3.47 -19.35 -7.38
N PHE A 200 -3.60 -19.16 -6.06
CA PHE A 200 -2.66 -19.67 -5.07
C PHE A 200 -3.31 -20.85 -4.37
N ASP A 201 -3.06 -22.06 -4.86
CA ASP A 201 -3.74 -23.26 -4.35
C ASP A 201 -3.11 -23.66 -3.01
N VAL A 202 -3.42 -22.87 -1.99
CA VAL A 202 -2.90 -23.12 -0.65
C VAL A 202 -3.74 -24.21 0.01
N GLY A 203 -3.14 -24.89 0.99
CA GLY A 203 -3.83 -25.92 1.73
C GLY A 203 -2.93 -27.08 2.13
N ALA A 204 -1.81 -27.24 1.44
CA ALA A 204 -0.85 -28.29 1.75
C ALA A 204 0.18 -27.87 2.77
N GLN A 205 0.06 -26.67 3.35
CA GLN A 205 1.06 -26.15 4.28
C GLN A 205 1.09 -26.97 5.57
N ARG A 206 -0.10 -27.22 6.15
CA ARG A 206 -0.26 -27.98 7.40
C ARG A 206 0.55 -27.38 8.55
N SER A 207 0.61 -26.05 8.60
CA SER A 207 1.26 -25.32 9.66
C SER A 207 0.26 -24.36 10.28
N GLU A 208 0.67 -23.72 11.39
CA GLU A 208 -0.19 -22.74 12.05
C GLU A 208 -0.43 -21.55 11.12
N ARG A 209 -1.70 -21.27 10.86
CA ARG A 209 -2.10 -20.30 9.84
C ARG A 209 -1.82 -18.87 10.25
N LYS A 210 -1.61 -18.61 11.54
CA LYS A 210 -1.40 -17.26 12.04
C LYS A 210 -0.09 -16.64 11.58
N LYS A 211 0.83 -17.42 11.02
CA LYS A 211 2.16 -16.92 10.71
C LYS A 211 2.39 -16.65 9.23
N TRP A 212 1.58 -17.18 8.33
CA TRP A 212 1.83 -17.03 6.91
C TRP A 212 0.63 -16.50 6.12
N ILE A 213 -0.52 -16.30 6.77
CA ILE A 213 -1.69 -15.83 6.04
C ILE A 213 -1.55 -14.36 5.66
N HIS A 214 -0.81 -13.57 6.44
CA HIS A 214 -0.64 -12.16 6.13
C HIS A 214 0.19 -11.90 4.88
N CYS A 215 0.86 -12.93 4.34
CA CYS A 215 1.46 -12.79 3.02
C CYS A 215 0.43 -12.57 1.94
N PHE A 216 -0.81 -13.03 2.15
CA PHE A 216 -1.87 -12.93 1.16
C PHE A 216 -2.73 -11.69 1.33
N GLU A 217 -2.34 -10.78 2.22
CA GLU A 217 -3.00 -9.48 2.30
C GLU A 217 -2.81 -8.73 0.99
N GLY A 218 -3.92 -8.42 0.32
CA GLY A 218 -3.88 -7.79 -0.98
C GLY A 218 -4.40 -8.63 -2.12
N VAL A 219 -4.93 -9.83 -1.84
CA VAL A 219 -5.56 -10.62 -2.88
C VAL A 219 -6.89 -10.00 -3.26
N THR A 220 -7.27 -10.16 -4.54
CA THR A 220 -8.55 -9.67 -5.00
C THR A 220 -9.70 -10.41 -4.32
N ALA A 221 -9.58 -11.72 -4.17
CA ALA A 221 -10.66 -12.51 -3.60
C ALA A 221 -10.07 -13.77 -2.98
N ILE A 222 -10.89 -14.45 -2.18
CA ILE A 222 -10.54 -15.73 -1.59
C ILE A 222 -11.51 -16.77 -2.15
N ILE A 223 -10.98 -17.70 -2.94
CA ILE A 223 -11.83 -18.72 -3.58
C ILE A 223 -12.00 -19.84 -2.57
N PHE A 224 -12.92 -19.64 -1.63
CA PHE A 224 -13.16 -20.61 -0.58
C PHE A 224 -13.99 -21.75 -1.16
N CYS A 225 -13.47 -22.97 -1.12
CA CYS A 225 -14.12 -24.10 -1.77
C CYS A 225 -14.66 -25.07 -0.73
N VAL A 226 -15.95 -25.38 -0.81
CA VAL A 226 -16.61 -26.37 0.02
C VAL A 226 -17.38 -27.31 -0.89
N ALA A 227 -17.32 -28.60 -0.60
CA ALA A 227 -18.20 -29.58 -1.24
C ALA A 227 -19.47 -29.70 -0.41
N LEU A 228 -20.63 -29.43 -1.05
CA LEU A 228 -21.91 -29.60 -0.37
C LEU A 228 -22.12 -31.05 0.05
N SER A 229 -21.84 -31.98 -0.87
CA SER A 229 -22.09 -33.40 -0.66
C SER A 229 -21.28 -33.97 0.50
N ALA A 230 -20.23 -33.28 0.92
CA ALA A 230 -19.43 -33.66 2.06
C ALA A 230 -20.03 -33.21 3.39
N TYR A 231 -21.33 -32.89 3.46
CA TYR A 231 -21.89 -32.46 4.74
C TYR A 231 -21.93 -33.62 5.72
N ASP A 232 -22.22 -34.83 5.23
CA ASP A 232 -22.22 -36.04 6.04
C ASP A 232 -20.88 -36.76 6.04
N LEU A 233 -19.94 -36.31 5.20
CA LEU A 233 -18.61 -36.92 5.19
C LEU A 233 -17.86 -36.57 6.46
N VAL A 234 -17.06 -37.51 6.93
CA VAL A 234 -16.36 -37.42 8.19
C VAL A 234 -14.94 -36.90 7.94
N LEU A 235 -14.39 -36.15 8.90
CA LEU A 235 -12.99 -35.74 8.82
C LEU A 235 -12.06 -36.94 8.91
N ALA A 236 -11.02 -36.93 8.06
CA ALA A 236 -10.01 -37.98 8.11
C ALA A 236 -9.05 -37.79 9.28
N GLU A 237 -8.84 -36.55 9.71
CA GLU A 237 -7.88 -36.29 10.79
C GLU A 237 -8.43 -36.70 12.15
N ASP A 238 -9.69 -36.40 12.42
CA ASP A 238 -10.25 -36.57 13.76
C ASP A 238 -11.25 -37.72 13.88
N GLU A 239 -12.09 -37.92 12.87
CA GLU A 239 -13.09 -38.99 12.78
C GLU A 239 -14.18 -38.92 13.86
N GLU A 240 -14.30 -37.81 14.58
CA GLU A 240 -15.35 -37.65 15.57
C GLU A 240 -16.13 -36.35 15.42
N MET A 241 -15.76 -35.49 14.47
CA MET A 241 -16.32 -34.15 14.37
C MET A 241 -16.55 -33.84 12.90
N ASN A 242 -17.71 -33.27 12.59
CA ASN A 242 -18.22 -33.19 11.22
C ASN A 242 -17.42 -32.22 10.36
N ARG A 243 -17.52 -32.41 9.04
CA ARG A 243 -16.76 -31.58 8.11
C ARG A 243 -17.35 -30.18 7.95
N MET A 244 -18.67 -30.04 8.02
CA MET A 244 -19.26 -28.71 7.93
C MET A 244 -18.91 -27.86 9.13
N HIS A 245 -18.87 -28.44 10.33
CA HIS A 245 -18.48 -27.67 11.50
C HIS A 245 -17.03 -27.21 11.39
N ALA A 246 -16.15 -28.09 10.89
CA ALA A 246 -14.76 -27.70 10.64
C ALA A 246 -14.67 -26.62 9.57
N SER A 247 -15.47 -26.74 8.52
CA SER A 247 -15.41 -25.77 7.42
C SER A 247 -15.94 -24.41 7.85
N MET A 248 -17.01 -24.37 8.65
CA MET A 248 -17.48 -23.07 9.14
C MET A 248 -16.55 -22.51 10.21
N LYS A 249 -15.86 -23.37 10.97
CA LYS A 249 -14.81 -22.89 11.85
C LYS A 249 -13.67 -22.24 11.07
N LEU A 250 -13.27 -22.88 9.97
CA LEU A 250 -12.26 -22.31 9.08
C LEU A 250 -12.74 -21.01 8.45
N PHE A 251 -14.02 -20.95 8.06
CA PHE A 251 -14.57 -19.74 7.46
C PHE A 251 -14.66 -18.61 8.47
N ASP A 252 -14.99 -18.93 9.72
CA ASP A 252 -14.98 -17.94 10.78
C ASP A 252 -13.57 -17.42 11.03
N SER A 253 -12.58 -18.31 10.97
CA SER A 253 -11.20 -17.88 11.13
C SER A 253 -10.73 -16.99 9.98
N ILE A 254 -11.05 -17.40 8.75
CA ILE A 254 -10.55 -16.68 7.56
C ILE A 254 -11.26 -15.34 7.41
N CYS A 255 -12.58 -15.32 7.56
CA CYS A 255 -13.34 -14.10 7.35
C CYS A 255 -13.05 -13.05 8.43
N ASN A 256 -12.88 -13.50 9.67
CA ASN A 256 -12.67 -12.60 10.80
C ASN A 256 -11.18 -12.54 11.12
N ASN A 257 -10.45 -11.75 10.32
CA ASN A 257 -9.03 -11.50 10.59
C ASN A 257 -8.65 -10.14 10.02
N LYS A 258 -7.53 -9.63 10.49
CA LYS A 258 -7.10 -8.28 10.11
C LYS A 258 -6.67 -8.21 8.65
N TRP A 259 -6.17 -9.31 8.08
CA TRP A 259 -5.58 -9.26 6.76
C TRP A 259 -6.62 -9.28 5.65
N PHE A 260 -7.86 -9.66 5.95
CA PHE A 260 -8.91 -9.77 4.94
C PHE A 260 -10.13 -8.98 5.36
N THR A 261 -9.93 -7.77 5.89
CA THR A 261 -11.05 -6.92 6.25
C THR A 261 -11.79 -6.40 5.03
N ASP A 262 -11.10 -6.25 3.90
CA ASP A 262 -11.70 -5.67 2.69
C ASP A 262 -11.45 -6.61 1.52
N THR A 263 -11.50 -7.92 1.78
CA THR A 263 -11.29 -8.94 0.76
C THR A 263 -12.59 -9.71 0.56
N SER A 264 -13.07 -9.75 -0.68
CA SER A 264 -14.26 -10.53 -0.98
C SER A 264 -13.94 -12.02 -0.91
N ILE A 265 -14.96 -12.81 -0.65
CA ILE A 265 -14.82 -14.26 -0.61
C ILE A 265 -15.73 -14.83 -1.69
N ILE A 266 -15.13 -15.30 -2.78
CA ILE A 266 -15.86 -16.08 -3.77
C ILE A 266 -15.96 -17.51 -3.24
N LEU A 267 -17.16 -17.94 -2.93
CA LEU A 267 -17.39 -19.23 -2.28
C LEU A 267 -18.04 -20.16 -3.29
N PHE A 268 -17.28 -21.15 -3.76
CA PHE A 268 -17.79 -22.18 -4.63
C PHE A 268 -18.35 -23.33 -3.80
N LEU A 269 -19.45 -23.91 -4.25
CA LEU A 269 -20.04 -25.07 -3.59
C LEU A 269 -20.00 -26.24 -4.59
N ASN A 270 -19.04 -27.13 -4.38
CA ASN A 270 -18.71 -28.17 -5.35
C ASN A 270 -19.59 -29.41 -5.16
N LYS A 271 -19.73 -30.16 -6.25
CA LYS A 271 -20.39 -31.47 -6.28
C LYS A 271 -21.83 -31.41 -5.78
N LYS A 272 -22.60 -30.47 -6.34
CA LYS A 272 -24.03 -30.43 -6.06
C LYS A 272 -24.78 -31.55 -6.76
N ASP A 273 -24.24 -32.01 -7.91
CA ASP A 273 -24.84 -33.11 -8.67
C ASP A 273 -24.74 -34.45 -7.95
N LEU A 274 -23.92 -34.54 -6.90
CA LEU A 274 -23.99 -35.62 -5.93
C LEU A 274 -24.81 -35.22 -4.71
N PHE A 275 -24.92 -33.92 -4.45
CA PHE A 275 -25.59 -33.42 -3.26
C PHE A 275 -27.09 -33.66 -3.31
N GLU A 276 -27.72 -33.66 -4.49
CA GLU A 276 -29.18 -33.92 -4.47
C GLU A 276 -29.48 -35.35 -4.05
N GLU A 277 -28.69 -36.33 -4.50
CA GLU A 277 -28.91 -37.71 -4.06
C GLU A 277 -28.55 -37.87 -2.58
N LYS A 278 -27.45 -37.25 -2.14
CA LYS A 278 -27.09 -37.38 -0.73
C LYS A 278 -28.11 -36.70 0.18
N ILE A 279 -28.74 -35.62 -0.28
CA ILE A 279 -29.75 -34.96 0.54
C ILE A 279 -31.09 -35.67 0.48
N THR A 280 -31.37 -36.42 -0.60
CA THR A 280 -32.55 -37.29 -0.57
C THR A 280 -32.34 -38.45 0.40
N HIS A 281 -31.11 -38.96 0.49
CA HIS A 281 -30.83 -40.00 1.48
C HIS A 281 -30.70 -39.42 2.88
N SER A 282 -29.72 -38.53 3.10
CA SER A 282 -29.48 -37.97 4.42
C SER A 282 -30.11 -36.59 4.51
N PRO A 283 -31.03 -36.37 5.46
CA PRO A 283 -31.84 -35.14 5.43
C PRO A 283 -31.22 -33.92 6.09
N LEU A 284 -29.89 -33.95 6.31
CA LEU A 284 -29.15 -32.77 6.89
C LEU A 284 -29.53 -32.50 8.35
N THR A 285 -30.37 -33.35 8.97
CA THR A 285 -30.81 -33.10 10.34
C THR A 285 -29.69 -33.35 11.34
N ILE A 286 -28.86 -34.37 11.11
CA ILE A 286 -27.79 -34.70 12.05
C ILE A 286 -26.72 -33.61 12.05
N CYS A 287 -26.43 -33.03 10.89
CA CYS A 287 -25.39 -32.00 10.81
C CYS A 287 -25.87 -30.68 11.44
N PHE A 288 -27.10 -30.29 11.18
CA PHE A 288 -27.67 -29.05 11.71
C PHE A 288 -28.88 -29.37 12.58
N PRO A 289 -28.70 -29.48 13.89
CA PRO A 289 -29.87 -29.62 14.79
C PRO A 289 -30.84 -28.45 14.72
N GLU A 290 -30.36 -27.24 14.43
CA GLU A 290 -31.19 -26.05 14.35
C GLU A 290 -31.77 -25.82 12.95
N TYR A 291 -31.91 -26.87 12.16
CA TYR A 291 -32.41 -26.70 10.79
C TYR A 291 -33.90 -26.39 10.79
N THR A 292 -34.71 -27.32 11.31
CA THR A 292 -36.18 -27.25 11.31
C THR A 292 -36.73 -27.05 9.90
N GLY A 293 -36.48 -28.06 9.05
CA GLY A 293 -36.93 -28.00 7.68
C GLY A 293 -36.93 -29.39 7.06
N ALA A 294 -37.38 -29.44 5.80
CA ALA A 294 -37.46 -30.70 5.07
C ALA A 294 -36.12 -31.00 4.40
N ASN A 295 -36.09 -32.06 3.58
CA ASN A 295 -34.86 -32.53 2.96
C ASN A 295 -34.76 -32.18 1.47
N LYS A 296 -35.47 -31.15 1.03
CA LYS A 296 -35.42 -30.75 -0.37
C LYS A 296 -34.06 -30.17 -0.73
N TYR A 297 -33.72 -30.27 -2.02
CA TYR A 297 -32.47 -29.72 -2.53
C TYR A 297 -32.37 -28.22 -2.33
N ASP A 298 -33.42 -27.49 -2.72
CA ASP A 298 -33.37 -26.03 -2.68
C ASP A 298 -33.30 -25.52 -1.24
N GLU A 299 -34.09 -26.10 -0.33
CA GLU A 299 -34.09 -25.65 1.05
C GLU A 299 -32.75 -25.92 1.74
N ALA A 300 -32.19 -27.11 1.52
CA ALA A 300 -30.91 -27.45 2.13
C ALA A 300 -29.77 -26.61 1.56
N ALA A 301 -29.76 -26.41 0.24
CA ALA A 301 -28.72 -25.59 -0.39
C ALA A 301 -28.82 -24.15 0.08
N SER A 302 -30.03 -23.61 0.18
CA SER A 302 -30.21 -22.24 0.67
C SER A 302 -29.83 -22.12 2.13
N TYR A 303 -30.11 -23.14 2.94
CA TYR A 303 -29.71 -23.10 4.34
C TYR A 303 -28.20 -23.12 4.49
N ILE A 304 -27.51 -23.95 3.70
CA ILE A 304 -26.06 -23.99 3.78
C ILE A 304 -25.45 -22.67 3.27
N GLN A 305 -26.02 -22.11 2.20
CA GLN A 305 -25.56 -20.81 1.72
C GLN A 305 -25.78 -19.71 2.75
N SER A 306 -26.92 -19.77 3.47
CA SER A 306 -27.18 -18.81 4.54
C SER A 306 -26.19 -18.97 5.69
N LYS A 307 -25.87 -20.22 6.05
CA LYS A 307 -24.89 -20.45 7.10
C LYS A 307 -23.51 -19.95 6.71
N PHE A 308 -23.14 -20.12 5.43
CA PHE A 308 -21.85 -19.64 4.97
C PHE A 308 -21.80 -18.12 4.89
N GLU A 309 -22.90 -17.49 4.46
CA GLU A 309 -22.96 -16.03 4.52
C GLU A 309 -23.13 -15.52 5.95
N ASP A 310 -23.61 -16.37 6.85
CA ASP A 310 -23.48 -16.12 8.28
C ASP A 310 -22.01 -16.34 8.68
N LEU A 311 -21.65 -15.86 9.87
CA LEU A 311 -20.30 -15.78 10.45
C LEU A 311 -19.44 -14.75 9.75
N ASN A 312 -19.96 -14.06 8.73
CA ASN A 312 -19.31 -12.88 8.17
C ASN A 312 -19.74 -11.71 9.06
N LYS A 313 -18.95 -11.48 10.11
CA LYS A 313 -19.27 -10.40 11.05
C LYS A 313 -19.16 -9.04 10.39
N ARG A 314 -18.15 -8.85 9.53
CA ARG A 314 -17.91 -7.57 8.87
C ARG A 314 -18.56 -7.56 7.49
N LYS A 315 -19.89 -7.44 7.50
CA LYS A 315 -20.68 -7.59 6.27
C LYS A 315 -20.53 -6.41 5.33
N ASP A 316 -20.11 -5.25 5.84
CA ASP A 316 -20.07 -4.03 5.03
C ASP A 316 -19.04 -4.12 3.91
N THR A 317 -17.86 -4.67 4.21
CA THR A 317 -16.77 -4.68 3.25
C THR A 317 -16.59 -6.02 2.53
N LYS A 318 -16.92 -7.14 3.17
CA LYS A 318 -16.70 -8.46 2.60
C LYS A 318 -17.97 -8.94 1.91
N GLU A 319 -17.84 -9.42 0.70
CA GLU A 319 -18.96 -9.88 -0.13
C GLU A 319 -18.80 -11.37 -0.38
N ILE A 320 -19.75 -12.16 0.11
CA ILE A 320 -19.71 -13.62 -0.03
C ILE A 320 -20.38 -13.93 -1.38
N TYR A 321 -19.59 -13.95 -2.45
CA TYR A 321 -20.13 -14.30 -3.75
C TYR A 321 -20.25 -15.82 -3.84
N THR A 322 -21.44 -16.36 -3.62
CA THR A 322 -21.62 -17.79 -3.52
C THR A 322 -22.13 -18.35 -4.85
N HIS A 323 -21.54 -19.44 -5.30
CA HIS A 323 -21.91 -20.09 -6.55
C HIS A 323 -22.11 -21.57 -6.32
N PHE A 324 -23.04 -22.17 -7.06
CA PHE A 324 -23.34 -23.59 -6.99
C PHE A 324 -22.82 -24.25 -8.26
N THR A 325 -21.95 -25.24 -8.09
CA THR A 325 -21.27 -25.87 -9.21
C THR A 325 -21.27 -27.39 -9.07
N CYS A 326 -21.26 -28.07 -10.21
CA CYS A 326 -21.15 -29.51 -10.27
C CYS A 326 -19.69 -29.92 -10.48
N SER A 327 -19.45 -31.23 -10.52
CA SER A 327 -18.14 -31.72 -10.93
C SER A 327 -17.89 -31.48 -12.42
N THR A 328 -18.94 -31.52 -13.23
CA THR A 328 -18.82 -31.37 -14.68
C THR A 328 -19.17 -29.96 -15.16
N ASP A 329 -19.38 -29.02 -14.24
CA ASP A 329 -19.70 -27.66 -14.61
C ASP A 329 -18.49 -26.97 -15.25
N THR A 330 -18.75 -26.21 -16.32
CA THR A 330 -17.69 -25.56 -17.08
C THR A 330 -17.78 -24.04 -17.08
N LYS A 331 -18.75 -23.46 -16.39
CA LYS A 331 -18.92 -22.01 -16.35
C LYS A 331 -18.35 -21.39 -15.09
N ASN A 332 -17.47 -22.11 -14.39
CA ASN A 332 -16.87 -21.59 -13.16
C ASN A 332 -15.93 -20.42 -13.46
N VAL A 333 -15.19 -20.49 -14.57
CA VAL A 333 -14.29 -19.40 -14.92
C VAL A 333 -15.08 -18.15 -15.31
N GLN A 334 -16.28 -18.32 -15.88
CA GLN A 334 -17.12 -17.17 -16.18
C GLN A 334 -17.65 -16.52 -14.91
N PHE A 335 -18.04 -17.33 -13.92
CA PHE A 335 -18.48 -16.76 -12.64
C PHE A 335 -17.33 -16.07 -11.94
N VAL A 336 -16.13 -16.64 -12.02
CA VAL A 336 -14.95 -16.01 -11.44
C VAL A 336 -14.67 -14.67 -12.11
N PHE A 337 -14.76 -14.63 -13.45
CA PHE A 337 -14.56 -13.39 -14.19
C PHE A 337 -15.57 -12.33 -13.78
N ASP A 338 -16.86 -12.68 -13.73
CA ASP A 338 -17.89 -11.71 -13.37
C ASP A 338 -17.76 -11.27 -11.93
N ALA A 339 -17.45 -12.21 -11.02
CA ALA A 339 -17.31 -11.86 -9.61
C ALA A 339 -16.12 -10.94 -9.36
N VAL A 340 -14.97 -11.23 -9.98
CA VAL A 340 -13.83 -10.33 -9.78
C VAL A 340 -14.02 -9.03 -10.54
N THR A 341 -14.84 -9.02 -11.59
CA THR A 341 -15.20 -7.75 -12.22
C THR A 341 -16.00 -6.89 -11.26
N ASP A 342 -16.96 -7.50 -10.56
CA ASP A 342 -17.69 -6.77 -9.52
C ASP A 342 -16.78 -6.34 -8.38
N VAL A 343 -15.79 -7.18 -8.04
CA VAL A 343 -14.87 -6.83 -6.95
C VAL A 343 -13.99 -5.65 -7.35
N ILE A 344 -13.44 -5.65 -8.57
CA ILE A 344 -12.60 -4.54 -8.98
C ILE A 344 -13.42 -3.28 -9.21
N ILE A 345 -14.70 -3.41 -9.61
CA ILE A 345 -15.55 -2.24 -9.70
C ILE A 345 -15.82 -1.65 -8.33
N LYS A 346 -16.10 -2.49 -7.33
CA LYS A 346 -16.31 -1.97 -5.98
C LYS A 346 -15.01 -1.41 -5.40
N ASN A 347 -13.86 -2.01 -5.74
CA ASN A 347 -12.58 -1.46 -5.32
C ASN A 347 -12.31 -0.11 -5.95
N ASN A 348 -12.67 0.05 -7.23
CA ASN A 348 -12.54 1.35 -7.89
C ASN A 348 -13.51 2.37 -7.31
N LEU A 349 -14.69 1.92 -6.89
CA LEU A 349 -15.63 2.81 -6.20
C LEU A 349 -15.05 3.31 -4.89
N LYS A 350 -14.42 2.42 -4.12
CA LYS A 350 -13.81 2.85 -2.86
C LYS A 350 -12.56 3.70 -3.09
N ASP A 351 -11.79 3.39 -4.14
CA ASP A 351 -10.59 4.18 -4.44
C ASP A 351 -10.95 5.57 -4.94
N CYS A 352 -11.94 5.67 -5.82
CA CYS A 352 -12.42 6.97 -6.29
C CYS A 352 -13.22 7.71 -5.24
N GLY A 353 -13.58 7.05 -4.13
CA GLY A 353 -14.34 7.69 -3.08
C GLY A 353 -15.82 7.80 -3.35
N LEU A 354 -16.32 7.19 -4.43
CA LEU A 354 -17.74 7.28 -4.75
C LEU A 354 -18.59 6.58 -3.70
N PHE A 355 -18.16 5.42 -3.23
CA PHE A 355 -18.88 4.73 -2.17
C PHE A 355 -18.65 5.44 -0.84
N ASN B 46 20.83 0.13 38.61
CA ASN B 46 22.08 -0.43 38.10
C ASN B 46 23.16 0.65 38.16
N ASN B 47 24.42 0.21 38.28
CA ASN B 47 25.53 1.14 38.38
C ASN B 47 25.97 1.70 37.02
N ILE B 48 25.41 1.19 35.92
CA ILE B 48 25.82 1.65 34.60
C ILE B 48 25.25 3.06 34.34
N ASP B 49 25.86 3.74 33.38
CA ASP B 49 25.39 5.05 32.95
C ASP B 49 24.62 4.89 31.65
N PRO B 50 23.31 5.14 31.62
CA PRO B 50 22.56 5.02 30.36
C PRO B 50 23.06 6.01 29.32
N VAL B 51 23.03 5.56 28.06
CA VAL B 51 23.44 6.41 26.95
C VAL B 51 22.45 7.55 26.74
N GLY B 52 21.18 7.33 27.02
CA GLY B 52 20.16 8.35 26.84
C GLY B 52 19.43 8.22 25.52
N ARG B 53 18.84 9.33 25.11
CA ARG B 53 18.09 9.35 23.86
C ARG B 53 19.03 9.19 22.67
N ILE B 54 18.62 8.36 21.71
CA ILE B 54 19.43 8.02 20.55
C ILE B 54 18.89 8.80 19.36
N GLN B 55 19.68 9.76 18.88
CA GLN B 55 19.31 10.54 17.70
C GLN B 55 19.94 9.85 16.49
N MET B 56 19.15 9.05 15.79
CA MET B 56 19.66 8.24 14.69
C MET B 56 18.75 8.44 13.49
N ARG B 57 19.30 8.98 12.40
CA ARG B 57 18.52 9.51 11.30
C ARG B 57 18.55 8.59 10.08
N THR B 58 17.49 8.72 9.28
CA THR B 58 17.35 8.03 8.00
C THR B 58 18.27 8.74 7.02
N ARG B 59 19.45 8.15 6.80
CA ARG B 59 20.38 8.74 5.84
C ARG B 59 20.08 8.26 4.43
N ARG B 60 19.80 6.98 4.28
CA ARG B 60 19.52 6.39 2.97
C ARG B 60 18.18 5.70 3.02
N THR B 61 17.36 5.93 2.01
CA THR B 61 16.11 5.20 1.83
C THR B 61 16.13 4.56 0.45
N LEU B 62 15.63 3.34 0.37
CA LEU B 62 15.70 2.57 -0.87
C LEU B 62 14.29 2.28 -1.36
N ARG B 63 14.04 2.61 -2.62
CA ARG B 63 12.73 2.43 -3.24
C ARG B 63 12.91 1.72 -4.59
N GLY B 64 11.90 0.94 -4.94
CA GLY B 64 11.97 0.09 -6.11
C GLY B 64 11.22 -1.20 -5.85
N HIS B 65 10.93 -1.47 -4.58
CA HIS B 65 10.03 -2.55 -4.23
C HIS B 65 8.60 -2.10 -4.38
N LEU B 66 7.77 -2.94 -4.97
CA LEU B 66 6.36 -2.62 -5.19
C LEU B 66 5.43 -3.47 -4.33
N ALA B 67 5.98 -4.25 -3.40
CA ALA B 67 5.18 -5.04 -2.48
C ALA B 67 5.89 -5.11 -1.14
N LYS B 68 5.19 -5.64 -0.15
CA LYS B 68 5.68 -5.65 1.23
C LYS B 68 6.97 -6.43 1.37
N ILE B 69 7.94 -5.85 2.06
CA ILE B 69 9.24 -6.46 2.29
C ILE B 69 9.14 -7.31 3.54
N TYR B 70 9.55 -8.58 3.43
CA TYR B 70 9.45 -9.53 4.53
C TYR B 70 10.78 -9.87 5.18
N ALA B 71 11.90 -9.65 4.50
CA ALA B 71 13.18 -10.03 5.08
C ALA B 71 14.30 -9.19 4.50
N MET B 72 15.33 -8.99 5.31
CA MET B 72 16.58 -8.36 4.90
C MET B 72 17.72 -9.07 5.60
N HIS B 73 18.92 -8.93 5.03
CA HIS B 73 20.12 -9.40 5.71
C HIS B 73 21.30 -8.53 5.30
N TRP B 74 22.10 -8.14 6.29
CA TRP B 74 23.29 -7.35 6.06
C TRP B 74 24.48 -8.25 5.80
N GLY B 75 25.19 -8.01 4.71
CA GLY B 75 26.35 -8.81 4.38
C GLY B 75 27.53 -8.52 5.28
N THR B 76 28.49 -9.46 5.27
CA THR B 76 29.74 -9.25 5.99
C THR B 76 30.55 -8.13 5.37
N ASP B 77 30.43 -7.93 4.05
CA ASP B 77 31.11 -6.82 3.38
C ASP B 77 30.53 -5.47 3.77
N SER B 78 29.37 -5.44 4.42
CA SER B 78 28.75 -4.30 5.09
C SER B 78 28.26 -3.22 4.14
N ARG B 79 28.48 -3.37 2.83
CA ARG B 79 28.07 -2.39 1.84
C ARG B 79 26.86 -2.84 1.03
N LEU B 80 26.77 -4.13 0.71
CA LEU B 80 25.70 -4.65 -0.11
C LEU B 80 24.58 -5.18 0.79
N LEU B 81 23.35 -4.81 0.45
CA LEU B 81 22.17 -5.20 1.21
C LEU B 81 21.32 -6.13 0.36
N VAL B 82 20.52 -6.97 1.01
CA VAL B 82 19.58 -7.83 0.31
C VAL B 82 18.18 -7.61 0.88
N SER B 83 17.20 -7.50 -0.01
CA SER B 83 15.82 -7.27 0.39
C SER B 83 14.90 -8.21 -0.37
N ALA B 84 14.04 -8.91 0.36
CA ALA B 84 13.12 -9.89 -0.18
C ALA B 84 11.69 -9.42 0.05
N SER B 85 10.91 -9.34 -1.02
CA SER B 85 9.54 -8.87 -0.95
C SER B 85 8.61 -9.81 -1.72
N GLN B 86 7.31 -9.56 -1.58
CA GLN B 86 6.28 -10.37 -2.22
C GLN B 86 6.03 -9.99 -3.67
N ASP B 87 6.76 -9.01 -4.20
CA ASP B 87 6.67 -8.65 -5.60
C ASP B 87 7.19 -9.74 -6.52
N GLY B 88 7.96 -10.69 -6.00
CA GLY B 88 8.67 -11.63 -6.83
C GLY B 88 10.04 -11.16 -7.25
N LYS B 89 10.53 -10.07 -6.66
CA LYS B 89 11.85 -9.53 -6.97
C LYS B 89 12.68 -9.50 -5.70
N LEU B 90 13.87 -10.09 -5.77
CA LEU B 90 14.86 -10.01 -4.71
C LEU B 90 15.92 -8.99 -5.12
N ILE B 91 16.15 -7.98 -4.29
CA ILE B 91 17.01 -6.87 -4.69
C ILE B 91 18.30 -6.91 -3.90
N ILE B 92 19.42 -6.94 -4.61
CA ILE B 92 20.73 -6.66 -4.05
C ILE B 92 20.93 -5.16 -4.20
N TRP B 93 20.83 -4.45 -3.08
CA TRP B 93 20.94 -3.00 -2.99
C TRP B 93 22.41 -2.61 -2.79
N ASP B 94 22.81 -1.55 -3.48
CA ASP B 94 24.05 -0.84 -3.15
C ASP B 94 23.68 0.22 -2.11
N SER B 95 23.91 -0.10 -0.83
CA SER B 95 23.34 0.68 0.26
C SER B 95 23.92 2.09 0.32
N TYR B 96 25.23 2.23 0.10
CA TYR B 96 25.88 3.53 0.22
C TYR B 96 25.42 4.50 -0.87
N THR B 97 25.35 4.02 -2.11
CA THR B 97 25.02 4.87 -3.24
C THR B 97 23.54 4.79 -3.63
N THR B 98 22.72 4.10 -2.83
CA THR B 98 21.28 3.90 -3.07
C THR B 98 21.00 3.27 -4.44
N ASN B 99 21.93 2.46 -4.94
CA ASN B 99 21.79 1.80 -6.22
C ASN B 99 21.31 0.36 -6.03
N LYS B 100 20.88 -0.24 -7.13
CA LYS B 100 20.46 -1.63 -7.15
C LYS B 100 21.51 -2.43 -7.91
N VAL B 101 22.25 -3.26 -7.17
CA VAL B 101 23.23 -4.12 -7.82
C VAL B 101 22.54 -5.20 -8.63
N HIS B 102 21.50 -5.82 -8.07
CA HIS B 102 20.84 -6.92 -8.76
C HIS B 102 19.35 -6.92 -8.51
N ALA B 103 18.59 -7.31 -9.54
CA ALA B 103 17.16 -7.62 -9.42
C ALA B 103 16.96 -9.07 -9.85
N ILE B 104 16.60 -9.92 -8.91
CA ILE B 104 16.50 -11.36 -9.12
C ILE B 104 15.03 -11.72 -9.25
N PRO B 105 14.58 -12.24 -10.40
CA PRO B 105 13.18 -12.66 -10.54
C PRO B 105 12.89 -13.96 -9.82
N LEU B 106 12.46 -13.88 -8.55
CA LEU B 106 12.09 -15.06 -7.77
C LEU B 106 11.03 -15.88 -8.48
N ARG B 107 11.24 -17.19 -8.54
CA ARG B 107 10.24 -18.09 -9.09
C ARG B 107 8.99 -18.11 -8.21
N SER B 108 9.17 -18.17 -6.90
CA SER B 108 8.08 -18.09 -5.94
C SER B 108 8.05 -16.68 -5.37
N SER B 109 6.95 -15.96 -5.61
CA SER B 109 6.81 -14.62 -5.07
C SER B 109 6.56 -14.60 -3.58
N TRP B 110 6.27 -15.74 -2.96
CA TRP B 110 5.96 -15.80 -1.54
C TRP B 110 7.22 -16.16 -0.77
N VAL B 111 8.05 -15.14 -0.56
CA VAL B 111 9.33 -15.28 0.11
C VAL B 111 9.21 -14.64 1.48
N MET B 112 9.44 -15.43 2.53
CA MET B 112 9.30 -14.95 3.89
C MET B 112 10.63 -14.78 4.62
N THR B 113 11.72 -15.29 4.08
CA THR B 113 13.02 -15.15 4.72
C THR B 113 14.07 -14.88 3.65
N CYS B 114 15.21 -14.35 4.10
CA CYS B 114 16.31 -14.06 3.20
C CYS B 114 17.62 -14.19 3.95
N ALA B 115 18.67 -14.50 3.19
CA ALA B 115 20.01 -14.59 3.75
C ALA B 115 21.00 -14.22 2.67
N TYR B 116 22.06 -13.52 3.05
CA TYR B 116 23.10 -13.11 2.13
C TYR B 116 24.38 -13.80 2.60
N ALA B 117 25.11 -14.41 1.67
CA ALA B 117 26.26 -15.22 2.05
C ALA B 117 27.37 -14.36 2.65
N PRO B 118 28.02 -14.83 3.71
CA PRO B 118 29.18 -14.09 4.25
C PRO B 118 30.29 -13.88 3.24
N SER B 119 30.50 -14.84 2.33
CA SER B 119 31.45 -14.63 1.25
C SER B 119 30.90 -13.68 0.20
N GLY B 120 29.60 -13.45 0.17
CA GLY B 120 29.00 -12.51 -0.76
C GLY B 120 28.76 -13.06 -2.15
N ASN B 121 28.90 -14.36 -2.35
CA ASN B 121 28.69 -14.96 -3.68
C ASN B 121 27.26 -15.42 -3.88
N TYR B 122 26.65 -16.01 -2.86
CA TYR B 122 25.33 -16.61 -2.97
C TYR B 122 24.30 -15.76 -2.23
N VAL B 123 23.03 -15.96 -2.58
CA VAL B 123 21.93 -15.38 -1.81
C VAL B 123 20.81 -16.41 -1.71
N ALA B 124 20.24 -16.57 -0.52
CA ALA B 124 19.23 -17.58 -0.26
C ALA B 124 17.88 -16.97 0.08
N CYS B 125 16.82 -17.57 -0.45
CA CYS B 125 15.45 -17.18 -0.14
C CYS B 125 14.60 -18.41 0.14
N GLY B 126 13.84 -18.37 1.22
CA GLY B 126 12.89 -19.42 1.53
C GLY B 126 11.47 -18.99 1.21
N GLY B 127 10.56 -19.29 2.11
CA GLY B 127 9.21 -18.80 1.97
C GLY B 127 8.19 -19.91 2.02
N LEU B 128 7.02 -19.62 1.43
CA LEU B 128 5.88 -20.51 1.49
C LEU B 128 6.01 -21.72 0.56
N ASP B 129 6.81 -21.61 -0.50
CA ASP B 129 6.90 -22.67 -1.51
C ASP B 129 7.74 -23.84 -1.01
N ASN B 130 8.35 -23.71 0.18
CA ASN B 130 9.16 -24.67 0.92
C ASN B 130 10.54 -24.87 0.30
N ILE B 131 10.85 -24.18 -0.78
CA ILE B 131 12.11 -24.33 -1.49
C ILE B 131 13.04 -23.19 -1.10
N CYS B 132 14.21 -23.54 -0.59
CA CYS B 132 15.26 -22.56 -0.34
C CYS B 132 16.09 -22.43 -1.61
N SER B 133 15.91 -21.31 -2.30
CA SER B 133 16.59 -21.07 -3.57
C SER B 133 17.86 -20.27 -3.30
N ILE B 134 18.99 -20.81 -3.77
CA ILE B 134 20.29 -20.16 -3.68
C ILE B 134 20.66 -19.68 -5.07
N TYR B 135 20.95 -18.39 -5.19
CA TYR B 135 21.22 -17.73 -6.45
C TYR B 135 22.66 -17.24 -6.49
N ASN B 136 23.25 -17.33 -7.69
CA ASN B 136 24.62 -16.88 -7.96
C ASN B 136 24.59 -15.40 -8.33
N LEU B 137 25.19 -14.56 -7.50
CA LEU B 137 25.23 -13.13 -7.80
C LEU B 137 26.25 -12.83 -8.90
N LYS B 138 27.47 -13.31 -8.75
CA LYS B 138 28.53 -13.06 -9.72
C LYS B 138 28.59 -14.23 -10.69
N THR B 139 28.22 -13.97 -11.94
CA THR B 139 28.16 -15.00 -12.97
C THR B 139 29.01 -14.58 -14.17
N ARG B 140 29.59 -15.57 -14.83
CA ARG B 140 30.42 -15.32 -16.00
C ARG B 140 29.60 -15.01 -17.23
N GLU B 141 28.36 -15.49 -17.30
CA GLU B 141 27.51 -15.27 -18.47
C GLU B 141 26.95 -13.86 -18.55
N GLY B 142 26.92 -13.13 -17.44
CA GLY B 142 26.41 -11.77 -17.43
C GLY B 142 25.00 -11.59 -16.90
N ASN B 143 24.36 -12.66 -16.41
CA ASN B 143 23.04 -12.56 -15.84
C ASN B 143 22.98 -13.40 -14.57
N VAL B 144 22.19 -12.92 -13.60
CA VAL B 144 22.03 -13.64 -12.34
C VAL B 144 21.26 -14.93 -12.59
N ARG B 145 21.77 -16.03 -12.04
CA ARG B 145 21.17 -17.34 -12.19
C ARG B 145 20.97 -17.99 -10.83
N VAL B 146 19.95 -18.83 -10.73
CA VAL B 146 19.77 -19.63 -9.54
C VAL B 146 20.80 -20.76 -9.52
N SER B 147 21.39 -20.99 -8.34
CA SER B 147 22.38 -22.06 -8.21
C SER B 147 21.73 -23.36 -7.79
N ARG B 148 21.00 -23.35 -6.67
CA ARG B 148 20.41 -24.56 -6.13
C ARG B 148 18.99 -24.28 -5.67
N GLU B 149 18.19 -25.34 -5.58
CA GLU B 149 16.81 -25.27 -5.10
C GLU B 149 16.63 -26.39 -4.07
N LEU B 150 16.88 -26.09 -2.81
CA LEU B 150 16.74 -27.07 -1.74
C LEU B 150 15.26 -27.29 -1.46
N ALA B 151 14.76 -28.48 -1.78
CA ALA B 151 13.37 -28.84 -1.57
C ALA B 151 13.32 -30.12 -0.73
N GLY B 152 13.34 -29.94 0.60
CA GLY B 152 13.20 -31.07 1.50
C GLY B 152 12.45 -30.72 2.77
N HIS B 153 11.89 -29.53 2.82
CA HIS B 153 11.10 -29.08 3.96
C HIS B 153 9.61 -29.18 3.62
N THR B 154 8.83 -29.63 4.60
CA THR B 154 7.39 -29.71 4.41
C THR B 154 6.72 -28.39 4.74
N GLY B 155 7.04 -27.81 5.89
CA GLY B 155 6.53 -26.50 6.24
C GLY B 155 7.25 -25.38 5.53
N TYR B 156 6.66 -24.19 5.58
CA TYR B 156 7.24 -23.00 4.98
C TYR B 156 8.54 -22.62 5.68
N LEU B 157 9.45 -22.01 4.93
CA LEU B 157 10.78 -21.67 5.43
C LEU B 157 10.72 -20.35 6.18
N SER B 158 10.72 -20.42 7.52
CA SER B 158 10.59 -19.24 8.34
C SER B 158 11.86 -18.42 8.36
N CYS B 159 13.01 -19.06 8.47
CA CYS B 159 14.29 -18.36 8.54
C CYS B 159 15.39 -19.26 7.98
N CYS B 160 16.26 -18.69 7.15
CA CYS B 160 17.44 -19.38 6.64
C CYS B 160 18.66 -18.49 6.87
N ARG B 161 19.77 -19.11 7.27
CA ARG B 161 21.02 -18.40 7.51
C ARG B 161 22.19 -19.27 7.09
N PHE B 162 23.21 -18.64 6.51
CA PHE B 162 24.41 -19.35 6.06
C PHE B 162 25.38 -19.55 7.22
N LEU B 163 25.88 -20.78 7.38
CA LEU B 163 27.04 -20.99 8.23
C LEU B 163 28.33 -20.65 7.48
N ASP B 164 28.46 -21.18 6.28
CA ASP B 164 29.66 -21.05 5.47
C ASP B 164 29.26 -20.70 4.05
N ASP B 165 30.19 -20.83 3.11
CA ASP B 165 29.85 -20.58 1.71
C ASP B 165 28.91 -21.65 1.17
N ASN B 166 29.07 -22.90 1.59
CA ASN B 166 28.31 -24.02 1.05
C ASN B 166 27.60 -24.82 2.14
N GLN B 167 27.19 -24.16 3.23
CA GLN B 167 26.39 -24.80 4.26
C GLN B 167 25.39 -23.78 4.78
N ILE B 168 24.13 -24.18 4.91
CA ILE B 168 23.07 -23.26 5.30
C ILE B 168 22.15 -23.94 6.31
N VAL B 169 21.81 -23.24 7.39
CA VAL B 169 20.82 -23.74 8.34
C VAL B 169 19.51 -23.00 8.10
N THR B 170 18.42 -23.75 8.06
CA THR B 170 17.09 -23.21 7.85
C THR B 170 16.18 -23.67 8.97
N SER B 171 15.12 -22.93 9.20
CA SER B 171 14.08 -23.30 10.15
C SER B 171 12.76 -23.25 9.42
N SER B 172 11.84 -24.14 9.79
CA SER B 172 10.55 -24.18 9.11
C SER B 172 9.42 -24.25 10.11
N GLY B 173 8.20 -24.07 9.60
CA GLY B 173 7.00 -24.19 10.40
C GLY B 173 6.53 -25.62 10.55
N ASP B 174 7.43 -26.59 10.39
CA ASP B 174 7.13 -27.99 10.61
C ASP B 174 7.89 -28.55 11.80
N THR B 175 8.12 -27.70 12.82
CA THR B 175 8.80 -28.01 14.08
C THR B 175 10.25 -28.44 13.89
N THR B 176 10.86 -28.15 12.74
CA THR B 176 12.21 -28.64 12.45
C THR B 176 13.10 -27.52 11.92
N CYS B 177 14.37 -27.60 12.30
CA CYS B 177 15.45 -26.89 11.63
C CYS B 177 16.29 -27.92 10.87
N ALA B 178 17.12 -27.44 9.95
CA ALA B 178 17.88 -28.36 9.11
C ALA B 178 19.12 -27.67 8.58
N LEU B 179 20.27 -28.35 8.69
CA LEU B 179 21.51 -27.91 8.08
C LEU B 179 21.69 -28.64 6.75
N TRP B 180 22.01 -27.87 5.71
CA TRP B 180 22.03 -28.30 4.32
C TRP B 180 23.39 -28.03 3.71
N ASP B 181 23.77 -28.87 2.75
CA ASP B 181 24.89 -28.63 1.86
C ASP B 181 24.38 -28.02 0.57
N ILE B 182 25.06 -26.96 0.10
CA ILE B 182 24.65 -26.34 -1.16
C ILE B 182 24.96 -27.26 -2.33
N GLU B 183 26.18 -27.80 -2.39
CA GLU B 183 26.59 -28.56 -3.57
C GLU B 183 25.90 -29.92 -3.62
N THR B 184 25.60 -30.51 -2.46
CA THR B 184 24.90 -31.79 -2.45
C THR B 184 23.40 -31.59 -2.69
N GLY B 185 22.82 -30.53 -2.15
CA GLY B 185 21.39 -30.33 -2.23
C GLY B 185 20.60 -31.18 -1.26
N GLN B 186 21.25 -31.72 -0.24
CA GLN B 186 20.63 -32.65 0.70
C GLN B 186 20.88 -32.15 2.12
N GLN B 187 19.92 -32.42 3.01
CA GLN B 187 20.07 -32.07 4.41
C GLN B 187 21.25 -32.81 5.02
N THR B 188 22.24 -32.05 5.50
CA THR B 188 23.29 -32.65 6.31
C THR B 188 22.72 -33.20 7.61
N THR B 189 21.87 -32.41 8.28
CA THR B 189 21.23 -32.90 9.49
C THR B 189 19.92 -32.17 9.71
N THR B 190 19.09 -32.74 10.57
CA THR B 190 17.80 -32.16 10.93
C THR B 190 17.72 -32.06 12.44
N PHE B 191 17.44 -30.85 12.93
CA PHE B 191 17.30 -30.58 14.35
C PHE B 191 15.81 -30.61 14.69
N THR B 192 15.43 -31.55 15.55
CA THR B 192 14.05 -31.69 16.02
C THR B 192 14.04 -31.65 17.54
N GLY B 193 12.86 -31.42 18.08
CA GLY B 193 12.68 -31.35 19.52
C GLY B 193 11.67 -30.29 19.88
N HIS B 194 11.45 -29.35 18.97
CA HIS B 194 10.40 -28.36 19.14
C HIS B 194 9.04 -29.00 18.91
N THR B 195 8.06 -28.61 19.72
CA THR B 195 6.68 -29.04 19.54
C THR B 195 5.82 -27.98 18.86
N GLY B 196 6.45 -26.91 18.37
CA GLY B 196 5.72 -25.86 17.68
C GLY B 196 6.52 -25.36 16.49
N ASP B 197 5.87 -24.53 15.68
CA ASP B 197 6.49 -24.03 14.46
C ASP B 197 7.67 -23.13 14.78
N VAL B 198 8.86 -23.53 14.33
CA VAL B 198 10.08 -22.78 14.60
C VAL B 198 10.06 -21.54 13.72
N MET B 199 9.92 -20.37 14.34
CA MET B 199 9.72 -19.14 13.59
C MET B 199 10.99 -18.35 13.37
N SER B 200 11.95 -18.43 14.27
CA SER B 200 13.11 -17.55 14.25
C SER B 200 14.38 -18.36 14.44
N LEU B 201 15.41 -18.01 13.67
CA LEU B 201 16.69 -18.69 13.71
C LEU B 201 17.80 -17.63 13.69
N SER B 202 18.76 -17.78 14.59
CA SER B 202 19.90 -16.87 14.66
C SER B 202 21.17 -17.66 14.89
N LEU B 203 22.22 -17.28 14.18
CA LEU B 203 23.51 -17.97 14.24
C LEU B 203 24.48 -17.17 15.10
N ALA B 204 25.27 -17.90 15.90
CA ALA B 204 26.37 -17.28 16.62
C ALA B 204 27.47 -16.88 15.64
N PRO B 205 28.29 -15.89 15.99
CA PRO B 205 29.42 -15.53 15.11
C PRO B 205 30.41 -16.66 14.89
N ASP B 206 30.55 -17.59 15.83
CA ASP B 206 31.42 -18.75 15.64
C ASP B 206 30.82 -19.75 14.66
N THR B 207 29.51 -19.67 14.40
CA THR B 207 28.76 -20.59 13.53
C THR B 207 28.95 -22.05 13.93
N ARG B 208 28.92 -22.31 15.24
CA ARG B 208 28.96 -23.67 15.78
C ARG B 208 27.74 -23.99 16.62
N LEU B 209 27.29 -23.06 17.45
CA LEU B 209 26.04 -23.17 18.17
C LEU B 209 25.05 -22.18 17.59
N PHE B 210 23.77 -22.55 17.58
CA PHE B 210 22.73 -21.58 17.28
C PHE B 210 21.52 -21.88 18.15
N VAL B 211 20.57 -20.95 18.15
CA VAL B 211 19.36 -21.07 18.95
C VAL B 211 18.15 -20.87 18.03
N SER B 212 17.08 -21.60 18.32
CA SER B 212 15.85 -21.48 17.56
C SER B 212 14.67 -21.31 18.50
N GLY B 213 13.78 -20.39 18.17
CA GLY B 213 12.58 -20.13 18.94
C GLY B 213 11.34 -20.57 18.19
N ALA B 214 10.43 -21.25 18.89
CA ALA B 214 9.24 -21.79 18.25
C ALA B 214 8.00 -21.09 18.76
N CYS B 215 6.87 -21.48 18.16
CA CYS B 215 5.56 -21.02 18.60
C CYS B 215 5.10 -21.70 19.88
N ASP B 216 5.87 -22.68 20.39
CA ASP B 216 5.60 -23.34 21.65
C ASP B 216 6.04 -22.47 22.85
N ALA B 217 6.44 -21.22 22.59
CA ALA B 217 7.00 -20.30 23.57
C ALA B 217 8.23 -20.91 24.24
N SER B 218 9.18 -21.32 23.41
CA SER B 218 10.39 -21.97 23.91
C SER B 218 11.50 -21.78 22.88
N ALA B 219 12.70 -21.50 23.38
CA ALA B 219 13.90 -21.38 22.57
C ALA B 219 14.90 -22.44 22.99
N LYS B 220 15.40 -23.19 22.02
CA LYS B 220 16.30 -24.31 22.28
C LYS B 220 17.67 -24.02 21.69
N LEU B 221 18.70 -24.44 22.43
CA LEU B 221 20.10 -24.28 22.02
C LEU B 221 20.52 -25.51 21.23
N TRP B 222 20.61 -25.35 19.91
CA TRP B 222 21.01 -26.40 18.99
C TRP B 222 22.51 -26.33 18.75
N ASP B 223 23.18 -27.48 18.86
CA ASP B 223 24.55 -27.60 18.39
C ASP B 223 24.50 -28.08 16.94
N VAL B 224 25.26 -27.42 16.07
CA VAL B 224 25.23 -27.75 14.65
C VAL B 224 25.78 -29.15 14.41
N ARG B 225 26.93 -29.46 15.02
CA ARG B 225 27.54 -30.77 14.81
C ARG B 225 26.75 -31.86 15.52
N GLU B 226 26.38 -31.64 16.77
CA GLU B 226 25.72 -32.69 17.55
C GLU B 226 24.25 -32.85 17.17
N GLY B 227 23.54 -31.76 16.96
CA GLY B 227 22.11 -31.84 16.74
C GLY B 227 21.33 -32.26 17.97
N MET B 228 21.89 -32.05 19.15
CA MET B 228 21.35 -32.52 20.41
C MET B 228 21.10 -31.30 21.29
N CYS B 229 19.92 -31.22 21.91
CA CYS B 229 19.53 -29.99 22.61
C CYS B 229 20.36 -29.85 23.89
N ARG B 230 21.31 -28.91 23.87
CA ARG B 230 22.04 -28.57 25.09
C ARG B 230 21.12 -28.03 26.16
N GLN B 231 20.21 -27.12 25.81
CA GLN B 231 19.38 -26.49 26.83
C GLN B 231 18.09 -25.99 26.20
N THR B 232 17.07 -25.87 27.05
CA THR B 232 15.74 -25.41 26.68
C THR B 232 15.34 -24.25 27.59
N PHE B 233 14.94 -23.13 27.01
CA PHE B 233 14.49 -21.97 27.75
C PHE B 233 13.02 -21.73 27.42
N THR B 234 12.16 -21.92 28.41
CA THR B 234 10.71 -21.91 28.22
C THR B 234 10.03 -20.86 29.09
N GLY B 235 10.72 -19.75 29.36
CA GLY B 235 10.12 -18.70 30.17
C GLY B 235 9.09 -17.85 29.43
N HIS B 236 9.02 -17.97 28.11
CA HIS B 236 8.10 -17.16 27.33
C HIS B 236 6.67 -17.66 27.49
N GLU B 237 5.72 -16.82 27.04
CA GLU B 237 4.31 -17.18 27.03
C GLU B 237 3.71 -17.21 25.64
N SER B 238 4.33 -16.58 24.65
CA SER B 238 3.80 -16.52 23.30
C SER B 238 4.86 -16.93 22.30
N ASP B 239 4.48 -16.94 21.02
CA ASP B 239 5.35 -17.42 19.96
C ASP B 239 6.55 -16.50 19.76
N ILE B 240 7.73 -17.09 19.64
CA ILE B 240 8.97 -16.34 19.49
C ILE B 240 9.09 -15.93 18.01
N ASN B 241 8.72 -14.69 17.72
CA ASN B 241 8.73 -14.21 16.35
C ASN B 241 10.13 -13.89 15.86
N ALA B 242 10.99 -13.36 16.73
CA ALA B 242 12.34 -13.00 16.34
C ALA B 242 13.34 -13.49 17.36
N ILE B 243 14.59 -13.66 16.94
CA ILE B 243 15.65 -14.07 17.85
C ILE B 243 16.97 -13.59 17.26
N CYS B 244 17.93 -13.27 18.14
CA CYS B 244 19.23 -12.78 17.69
C CYS B 244 20.27 -12.99 18.79
N PHE B 245 21.41 -13.56 18.42
CA PHE B 245 22.52 -13.68 19.36
C PHE B 245 23.13 -12.33 19.72
N PHE B 246 23.63 -12.25 20.95
CA PHE B 246 24.54 -11.19 21.33
C PHE B 246 25.86 -11.39 20.58
N PRO B 247 26.54 -10.30 20.20
CA PRO B 247 27.85 -10.45 19.55
C PRO B 247 28.90 -11.12 20.40
N ASN B 248 28.74 -11.14 21.73
CA ASN B 248 29.57 -11.98 22.58
C ASN B 248 29.35 -13.44 22.23
N GLY B 249 28.13 -13.82 21.90
CA GLY B 249 27.78 -15.20 21.62
C GLY B 249 27.34 -15.98 22.84
N ASN B 250 27.45 -15.41 24.02
CA ASN B 250 27.07 -16.06 25.27
C ASN B 250 25.65 -15.73 25.69
N ALA B 251 24.95 -14.89 24.92
CA ALA B 251 23.58 -14.51 25.23
C ALA B 251 22.81 -14.30 23.93
N PHE B 252 21.49 -14.31 24.03
CA PHE B 252 20.64 -14.07 22.88
C PHE B 252 19.30 -13.52 23.33
N ALA B 253 18.71 -12.70 22.47
CA ALA B 253 17.44 -12.03 22.72
C ALA B 253 16.33 -12.68 21.90
N THR B 254 15.21 -12.96 22.56
CA THR B 254 14.04 -13.58 21.95
C THR B 254 12.90 -12.57 21.97
N GLY B 255 12.58 -12.03 20.81
CA GLY B 255 11.45 -11.15 20.59
C GLY B 255 10.16 -11.89 20.30
N SER B 256 9.49 -12.38 21.34
CA SER B 256 8.22 -13.06 21.18
C SER B 256 7.12 -12.05 20.84
N ASP B 257 5.91 -12.57 20.63
CA ASP B 257 4.79 -11.70 20.28
C ASP B 257 4.08 -11.11 21.49
N ASP B 258 4.48 -11.47 22.72
CA ASP B 258 3.89 -10.88 23.91
C ASP B 258 4.67 -9.67 24.41
N ALA B 259 5.35 -8.96 23.51
CA ALA B 259 6.01 -7.68 23.76
C ALA B 259 7.11 -7.76 24.81
N THR B 260 7.76 -8.90 24.96
CA THR B 260 8.90 -9.05 25.86
C THR B 260 10.08 -9.63 25.09
N CYS B 261 11.07 -8.78 24.77
CA CYS B 261 12.36 -9.25 24.27
C CYS B 261 13.13 -9.85 25.44
N ARG B 262 12.83 -11.12 25.73
CA ARG B 262 13.50 -11.76 26.85
C ARG B 262 14.93 -12.11 26.46
N LEU B 263 15.89 -11.74 27.31
CA LEU B 263 17.30 -12.00 27.04
C LEU B 263 17.74 -13.19 27.89
N PHE B 264 18.27 -14.21 27.23
CA PHE B 264 18.74 -15.43 27.88
C PHE B 264 20.25 -15.54 27.73
N ASP B 265 20.89 -16.16 28.71
CA ASP B 265 22.32 -16.42 28.68
C ASP B 265 22.52 -17.93 28.71
N LEU B 266 23.41 -18.41 27.84
CA LEU B 266 23.65 -19.86 27.73
C LEU B 266 24.21 -20.44 29.02
N ARG B 267 25.18 -19.75 29.62
CA ARG B 267 25.83 -20.27 30.82
C ARG B 267 25.02 -20.02 32.09
N ALA B 268 24.12 -19.04 32.07
CA ALA B 268 23.37 -18.71 33.29
C ALA B 268 22.27 -19.72 33.59
N ASP B 269 21.71 -20.36 32.55
CA ASP B 269 20.67 -21.40 32.58
C ASP B 269 19.30 -20.84 32.98
N GLN B 270 19.18 -19.54 33.26
CA GLN B 270 17.89 -18.93 33.57
C GLN B 270 17.76 -17.64 32.79
N GLU B 271 16.77 -16.83 33.16
CA GLU B 271 16.57 -15.52 32.56
C GLU B 271 17.40 -14.47 33.28
N LEU B 272 17.77 -13.43 32.54
CA LEU B 272 18.46 -12.28 33.12
C LEU B 272 17.54 -11.07 33.23
N MET B 273 16.99 -10.60 32.12
CA MET B 273 16.10 -9.45 32.09
C MET B 273 14.88 -9.77 31.24
N THR B 274 13.75 -9.15 31.60
CA THR B 274 12.51 -9.23 30.84
C THR B 274 12.16 -7.83 30.36
N TYR B 275 11.97 -7.68 29.06
CA TYR B 275 11.74 -6.35 28.48
C TYR B 275 10.25 -6.11 28.24
N SER B 276 9.49 -6.09 29.34
CA SER B 276 8.06 -5.88 29.28
C SER B 276 7.74 -4.42 29.60
N HIS B 277 7.05 -3.75 28.68
CA HIS B 277 6.62 -2.38 28.86
C HIS B 277 5.10 -2.34 28.80
N ASP B 278 4.48 -1.60 29.72
CA ASP B 278 3.03 -1.53 29.76
C ASP B 278 2.47 -0.80 28.55
N ASN B 279 3.21 0.16 28.01
CA ASN B 279 2.75 0.89 26.82
C ASN B 279 2.64 -0.05 25.62
N ILE B 280 3.61 -0.93 25.44
CA ILE B 280 3.66 -1.80 24.27
C ILE B 280 2.86 -3.07 24.54
N ILE B 281 1.92 -3.37 23.66
CA ILE B 281 1.12 -4.59 23.75
C ILE B 281 1.28 -5.47 22.51
N CYS B 282 1.84 -4.93 21.43
CA CYS B 282 1.94 -5.63 20.16
C CYS B 282 3.13 -6.59 20.14
N GLY B 283 3.23 -7.37 19.07
CA GLY B 283 4.30 -8.32 18.94
C GLY B 283 5.60 -7.72 18.45
N ILE B 284 6.67 -8.47 18.66
CA ILE B 284 8.04 -8.04 18.35
C ILE B 284 8.42 -8.73 17.05
N THR B 285 8.41 -7.98 15.94
CA THR B 285 8.60 -8.61 14.65
C THR B 285 10.05 -8.97 14.40
N SER B 286 10.98 -8.07 14.72
CA SER B 286 12.39 -8.32 14.45
C SER B 286 13.22 -7.89 15.65
N VAL B 287 14.39 -8.54 15.81
CA VAL B 287 15.30 -8.28 16.91
C VAL B 287 16.72 -8.29 16.38
N SER B 288 17.53 -7.30 16.78
CA SER B 288 18.93 -7.26 16.45
C SER B 288 19.70 -6.69 17.63
N PHE B 289 21.01 -6.54 17.45
CA PHE B 289 21.90 -6.01 18.48
C PHE B 289 22.86 -5.02 17.84
N SER B 290 23.43 -4.16 18.68
CA SER B 290 24.60 -3.40 18.26
C SER B 290 25.85 -4.26 18.43
N LYS B 291 26.99 -3.76 17.94
CA LYS B 291 28.24 -4.50 18.10
C LYS B 291 28.61 -4.68 19.57
N SER B 292 28.48 -3.61 20.36
CA SER B 292 28.59 -3.75 21.80
C SER B 292 27.41 -4.49 22.39
N GLY B 293 26.29 -4.51 21.67
CA GLY B 293 25.10 -5.17 22.15
C GLY B 293 24.31 -4.39 23.18
N ARG B 294 24.71 -3.16 23.47
CA ARG B 294 23.96 -2.31 24.40
C ARG B 294 22.56 -2.04 23.87
N LEU B 295 22.47 -1.70 22.58
CA LEU B 295 21.20 -1.35 21.96
C LEU B 295 20.57 -2.62 21.41
N LEU B 296 19.60 -3.16 22.14
CA LEU B 296 18.83 -4.32 21.68
C LEU B 296 17.73 -3.77 20.78
N LEU B 297 18.06 -3.60 19.51
CA LEU B 297 17.11 -3.10 18.52
C LEU B 297 15.99 -4.10 18.35
N ALA B 298 14.75 -3.61 18.36
CA ALA B 298 13.58 -4.48 18.26
C ALA B 298 12.55 -3.81 17.37
N GLY B 299 12.35 -4.37 16.18
CA GLY B 299 11.22 -3.95 15.37
C GLY B 299 9.90 -4.41 15.97
N TYR B 300 8.89 -3.56 15.84
CA TYR B 300 7.65 -3.78 16.56
C TYR B 300 6.48 -3.71 15.60
N ASP B 301 5.36 -4.29 16.02
CA ASP B 301 4.13 -4.19 15.26
C ASP B 301 3.45 -2.83 15.45
N ASP B 302 3.95 -2.01 16.37
CA ASP B 302 3.47 -0.65 16.64
C ASP B 302 4.12 0.35 15.66
N PHE B 303 4.52 -0.13 14.49
CA PHE B 303 4.98 0.60 13.31
C PHE B 303 6.37 1.20 13.51
N ASN B 304 7.02 0.95 14.65
CA ASN B 304 8.24 1.62 15.05
C ASN B 304 9.26 0.63 15.61
N CYS B 305 10.52 1.03 15.61
CA CYS B 305 11.61 0.23 16.16
C CYS B 305 12.04 0.83 17.49
N ASN B 306 11.77 0.12 18.58
CA ASN B 306 12.06 0.60 19.93
C ASN B 306 13.41 0.06 20.38
N VAL B 307 14.42 0.93 20.41
CA VAL B 307 15.73 0.56 20.92
C VAL B 307 15.64 0.33 22.42
N TRP B 308 16.45 -0.60 22.92
CA TRP B 308 16.40 -0.98 24.32
C TRP B 308 17.77 -0.81 24.97
N ASP B 309 17.82 -1.08 26.27
CA ASP B 309 19.05 -1.06 27.05
C ASP B 309 19.37 -2.49 27.46
N ALA B 310 20.60 -2.93 27.16
CA ALA B 310 20.99 -4.30 27.48
C ALA B 310 21.11 -4.54 28.98
N LEU B 311 21.51 -3.52 29.74
CA LEU B 311 21.82 -3.67 31.15
C LEU B 311 20.77 -3.10 32.09
N LYS B 312 19.83 -2.30 31.60
CA LYS B 312 18.88 -1.65 32.48
C LYS B 312 17.44 -1.65 31.97
N ALA B 313 17.20 -2.22 30.78
CA ALA B 313 15.84 -2.42 30.21
C ALA B 313 15.07 -1.11 30.08
N ASP B 314 15.74 -0.08 29.57
CA ASP B 314 15.14 1.23 29.36
C ASP B 314 15.08 1.51 27.87
N ARG B 315 13.92 1.98 27.40
CA ARG B 315 13.71 2.18 25.97
C ARG B 315 14.46 3.44 25.55
N ALA B 316 15.69 3.25 25.07
CA ALA B 316 16.57 4.37 24.77
C ALA B 316 16.18 5.11 23.50
N GLY B 317 15.26 4.60 22.70
CA GLY B 317 14.86 5.32 21.51
C GLY B 317 13.58 4.77 20.93
N VAL B 318 12.97 5.60 20.09
CA VAL B 318 11.79 5.25 19.31
C VAL B 318 12.04 5.71 17.88
N LEU B 319 11.75 4.85 16.91
CA LEU B 319 12.21 5.10 15.55
C LEU B 319 11.07 5.08 14.54
N ALA B 320 9.98 5.76 14.85
CA ALA B 320 8.77 5.67 14.02
C ALA B 320 8.94 6.42 12.72
N GLY B 321 9.43 5.72 11.69
CA GLY B 321 9.57 6.32 10.37
C GLY B 321 9.05 5.44 9.25
N HIS B 322 8.25 4.43 9.61
CA HIS B 322 7.70 3.48 8.65
C HIS B 322 6.18 3.55 8.65
N ASP B 323 5.60 3.51 7.45
CA ASP B 323 4.15 3.58 7.32
C ASP B 323 3.47 2.31 7.82
N ASN B 324 4.08 1.15 7.54
CA ASN B 324 3.50 -0.14 7.88
C ASN B 324 4.36 -0.85 8.93
N ARG B 325 4.01 -2.10 9.21
CA ARG B 325 4.75 -2.91 10.18
C ARG B 325 6.21 -3.10 9.76
N VAL B 326 7.11 -2.90 10.72
CA VAL B 326 8.54 -3.10 10.46
C VAL B 326 8.78 -4.60 10.46
N SER B 327 8.83 -5.19 9.27
CA SER B 327 8.94 -6.64 9.17
C SER B 327 10.35 -7.12 9.48
N CYS B 328 11.36 -6.46 8.96
CA CYS B 328 12.72 -6.96 9.05
C CYS B 328 13.66 -5.85 9.48
N LEU B 329 14.66 -6.20 10.28
CA LEU B 329 15.53 -5.23 10.92
C LEU B 329 16.90 -5.84 11.11
N GLY B 330 17.93 -5.12 10.70
CA GLY B 330 19.27 -5.65 10.89
C GLY B 330 20.35 -4.60 11.04
N VAL B 331 21.29 -4.86 11.95
CA VAL B 331 22.47 -4.03 12.07
C VAL B 331 23.44 -4.39 10.97
N THR B 332 24.21 -3.40 10.51
CA THR B 332 25.27 -3.69 9.58
C THR B 332 26.39 -4.39 10.33
N ASP B 333 27.13 -5.27 9.64
CA ASP B 333 28.09 -6.15 10.31
C ASP B 333 29.22 -5.36 10.96
N ASP B 334 29.59 -4.22 10.39
CA ASP B 334 30.57 -3.34 11.02
C ASP B 334 29.91 -2.33 11.96
N GLY B 335 28.60 -2.41 12.14
CA GLY B 335 27.87 -1.53 13.03
C GLY B 335 27.65 -0.13 12.51
N MET B 336 28.01 0.14 11.25
CA MET B 336 27.94 1.49 10.70
C MET B 336 26.51 2.00 10.65
N ALA B 337 25.58 1.14 10.27
CA ALA B 337 24.21 1.54 10.02
C ALA B 337 23.25 0.44 10.47
N VAL B 338 21.97 0.77 10.53
CA VAL B 338 20.91 -0.19 10.83
C VAL B 338 19.83 -0.02 9.79
N ALA B 339 19.50 -1.08 9.07
CA ALA B 339 18.51 -1.00 8.01
C ALA B 339 17.26 -1.76 8.41
N THR B 340 16.11 -1.11 8.24
CA THR B 340 14.82 -1.70 8.52
C THR B 340 13.98 -1.69 7.25
N GLY B 341 13.40 -2.85 6.93
CA GLY B 341 12.46 -2.97 5.83
C GLY B 341 11.07 -3.22 6.39
N SER B 342 10.10 -2.54 5.82
CA SER B 342 8.73 -2.60 6.32
C SER B 342 7.77 -2.95 5.19
N TRP B 343 6.52 -3.22 5.57
CA TRP B 343 5.52 -3.66 4.60
C TRP B 343 5.06 -2.56 3.65
N ASP B 344 5.49 -1.32 3.85
CA ASP B 344 5.21 -0.27 2.87
C ASP B 344 6.20 -0.29 1.70
N SER B 345 6.91 -1.41 1.51
CA SER B 345 7.92 -1.59 0.46
C SER B 345 9.08 -0.62 0.59
N PHE B 346 9.42 -0.25 1.83
CA PHE B 346 10.47 0.71 2.09
C PHE B 346 11.56 0.11 2.97
N LEU B 347 12.80 0.24 2.51
CA LEU B 347 14.01 -0.13 3.22
C LEU B 347 14.75 1.15 3.57
N LYS B 348 14.91 1.41 4.87
CA LYS B 348 15.50 2.64 5.36
C LYS B 348 16.78 2.35 6.14
N ILE B 349 17.83 3.11 5.84
CA ILE B 349 19.13 2.98 6.50
C ILE B 349 19.29 4.12 7.50
N TRP B 350 19.62 3.77 8.73
CA TRP B 350 19.70 4.72 9.84
C TRP B 350 21.12 4.75 10.38
N ASN B 351 21.70 5.94 10.44
CA ASN B 351 23.03 6.15 11.02
C ASN B 351 22.92 7.07 12.22
N LYS C 29 26.07 -19.14 38.25
CA LYS C 29 24.85 -18.49 38.73
C LYS C 29 24.76 -17.19 37.90
N VAL C 30 23.70 -16.39 38.11
CA VAL C 30 23.40 -15.25 37.26
C VAL C 30 24.49 -14.16 37.34
N SER C 31 25.22 -14.10 38.46
CA SER C 31 26.14 -12.98 38.70
C SER C 31 27.33 -13.00 37.73
N LYS C 32 27.94 -14.17 37.52
CA LYS C 32 29.09 -14.26 36.61
C LYS C 32 28.70 -13.96 35.17
N ALA C 33 27.58 -14.52 34.71
CA ALA C 33 27.13 -14.26 33.34
C ALA C 33 26.77 -12.79 33.15
N ALA C 34 26.11 -12.19 34.14
CA ALA C 34 25.79 -10.77 34.08
C ALA C 34 27.06 -9.92 34.04
N ALA C 35 28.05 -10.27 34.87
CA ALA C 35 29.31 -9.51 34.90
C ALA C 35 30.06 -9.64 33.59
N ASP C 36 30.06 -10.83 32.99
CA ASP C 36 30.72 -11.02 31.69
C ASP C 36 29.99 -10.22 30.60
N LEU C 37 28.66 -10.18 30.67
CA LEU C 37 27.90 -9.40 29.71
C LEU C 37 28.22 -7.91 29.83
N MET C 38 28.27 -7.40 31.07
CA MET C 38 28.64 -6.00 31.30
C MET C 38 30.06 -5.72 30.83
N ALA C 39 30.97 -6.67 31.07
CA ALA C 39 32.37 -6.49 30.66
C ALA C 39 32.49 -6.40 29.15
N TYR C 40 31.77 -7.26 28.42
CA TYR C 40 31.79 -7.19 26.96
C TYR C 40 31.22 -5.87 26.46
N CYS C 41 30.11 -5.43 27.07
CA CYS C 41 29.49 -4.16 26.65
C CYS C 41 30.42 -2.98 26.88
N GLU C 42 31.03 -2.89 28.06
CA GLU C 42 31.92 -1.77 28.32
C GLU C 42 33.24 -1.88 27.58
N ALA C 43 33.63 -3.09 27.17
CA ALA C 43 34.84 -3.23 26.36
C ALA C 43 34.60 -2.80 24.92
N HIS C 44 33.46 -3.15 24.35
CA HIS C 44 33.22 -2.90 22.93
C HIS C 44 32.29 -1.73 22.65
N ALA C 45 31.95 -0.92 23.66
CA ALA C 45 31.14 0.26 23.41
C ALA C 45 31.90 1.38 22.70
N LYS C 46 33.23 1.34 22.67
CA LYS C 46 34.01 2.47 22.17
C LYS C 46 33.91 2.63 20.66
N GLU C 47 33.86 1.53 19.90
CA GLU C 47 33.85 1.60 18.44
C GLU C 47 32.46 1.34 17.87
N ASP C 48 31.41 1.50 18.67
CA ASP C 48 30.04 1.22 18.25
C ASP C 48 29.44 2.50 17.67
N PRO C 49 29.16 2.57 16.36
CA PRO C 49 28.60 3.82 15.81
C PRO C 49 27.19 4.13 16.27
N LEU C 50 26.41 3.13 16.69
CA LEU C 50 25.06 3.41 17.20
C LEU C 50 25.11 4.16 18.53
N LEU C 51 25.91 3.66 19.47
CA LEU C 51 25.96 4.28 20.80
C LEU C 51 26.69 5.62 20.75
N THR C 52 27.83 5.67 20.07
CA THR C 52 28.57 6.91 19.89
C THR C 52 28.46 7.33 18.43
N PRO C 53 27.75 8.42 18.12
CA PRO C 53 27.57 8.85 16.72
C PRO C 53 28.88 9.05 15.97
N VAL C 54 28.93 8.52 14.76
CA VAL C 54 30.14 8.60 13.93
C VAL C 54 30.31 10.04 13.43
N PRO C 55 31.53 10.59 13.43
CA PRO C 55 31.75 11.88 12.76
C PRO C 55 31.49 11.76 11.27
N ALA C 56 30.94 12.83 10.70
CA ALA C 56 30.46 12.82 9.32
C ALA C 56 31.57 12.71 8.29
N SER C 57 32.84 12.89 8.67
CA SER C 57 33.93 12.75 7.71
C SER C 57 34.14 11.31 7.29
N GLU C 58 33.86 10.35 8.17
CA GLU C 58 34.04 8.94 7.86
C GLU C 58 33.10 8.48 6.76
N ASN C 59 31.84 8.94 6.80
CA ASN C 59 30.85 8.54 5.80
C ASN C 59 30.76 9.63 4.73
N PRO C 60 31.10 9.33 3.48
CA PRO C 60 31.14 10.39 2.45
C PRO C 60 29.79 11.02 2.13
N PHE C 61 28.68 10.37 2.48
CA PHE C 61 27.32 10.88 2.31
C PHE C 61 26.97 11.26 0.87
N GLY D 2 -16.70 50.42 -9.23
CA GLY D 2 -15.67 50.04 -10.21
C GLY D 2 -16.28 49.79 -11.57
N PRO D 3 -16.98 50.76 -12.19
CA PRO D 3 -17.67 50.54 -13.46
C PRO D 3 -16.56 50.22 -14.45
N TRP D 4 -16.48 48.95 -14.87
CA TRP D 4 -15.37 48.55 -15.73
C TRP D 4 -15.16 49.51 -16.89
N LEU D 5 -16.18 50.26 -17.27
CA LEU D 5 -16.13 51.12 -18.45
C LEU D 5 -15.85 52.57 -18.12
N GLU D 6 -16.48 53.11 -17.06
CA GLU D 6 -16.26 54.45 -16.50
C GLU D 6 -16.58 55.57 -17.50
N GLU D 7 -17.13 55.23 -18.65
CA GLU D 7 -17.38 56.14 -19.75
C GLU D 7 -18.62 55.64 -20.50
N GLU D 8 -18.81 56.11 -21.72
CA GLU D 8 -19.94 55.66 -22.53
C GLU D 8 -19.44 55.11 -23.85
N GLU D 9 -19.93 53.91 -24.19
CA GLU D 9 -19.67 53.20 -25.45
C GLU D 9 -18.20 53.12 -25.83
N GLU D 10 -17.31 52.87 -24.86
CA GLU D 10 -15.89 52.79 -25.14
C GLU D 10 -15.43 51.39 -25.54
N ALA D 11 -16.27 50.37 -25.33
CA ALA D 11 -15.97 48.97 -25.65
C ALA D 11 -14.66 48.49 -25.03
N TYR D 12 -14.40 48.91 -23.79
CA TYR D 12 -13.19 48.53 -23.07
C TYR D 12 -13.48 47.32 -22.19
N GLY D 13 -12.86 46.19 -22.53
CA GLY D 13 -13.18 44.92 -21.91
C GLY D 13 -12.75 44.80 -20.47
N TRP D 14 -13.10 43.65 -19.88
CA TRP D 14 -12.77 43.38 -18.49
C TRP D 14 -12.31 41.94 -18.33
N MET D 15 -11.74 41.65 -17.16
CA MET D 15 -11.11 40.36 -16.88
C MET D 15 -12.13 39.23 -16.93
N ASP D 16 -11.88 38.28 -17.82
CA ASP D 16 -12.85 37.21 -18.09
C ASP D 16 -13.02 36.25 -16.92
N ALA E 64 -20.69 46.24 0.26
CA ALA E 64 -21.93 45.49 0.38
C ALA E 64 -21.68 44.15 1.08
N ILE E 65 -22.55 43.17 0.82
CA ILE E 65 -22.39 41.84 1.38
C ILE E 65 -21.38 41.01 0.60
N ARG E 66 -20.90 41.53 -0.55
CA ARG E 66 -19.96 40.81 -1.39
C ARG E 66 -18.66 40.51 -0.66
N ILE E 67 -18.21 41.42 0.21
CA ILE E 67 -16.90 41.26 0.85
C ILE E 67 -16.93 40.12 1.87
N THR E 68 -18.04 39.95 2.58
CA THR E 68 -18.15 38.86 3.55
C THR E 68 -18.12 37.50 2.85
N LEU E 69 -18.85 37.37 1.74
CA LEU E 69 -18.83 36.12 0.99
C LEU E 69 -17.47 35.86 0.37
N TYR E 70 -16.80 36.91 -0.14
CA TYR E 70 -15.45 36.75 -0.68
C TYR E 70 -14.47 36.32 0.40
N ALA E 71 -14.64 36.85 1.62
CA ALA E 71 -13.75 36.48 2.72
C ALA E 71 -13.97 35.04 3.17
N VAL E 72 -15.23 34.61 3.28
CA VAL E 72 -15.52 33.24 3.68
C VAL E 72 -15.01 32.25 2.61
N ILE E 73 -15.23 32.58 1.34
CA ILE E 73 -14.79 31.70 0.26
C ILE E 73 -13.26 31.66 0.20
N PHE E 74 -12.58 32.79 0.40
CA PHE E 74 -11.12 32.78 0.47
C PHE E 74 -10.63 31.93 1.64
N LEU E 75 -11.23 32.11 2.83
CA LEU E 75 -10.78 31.38 4.01
C LEU E 75 -10.91 29.88 3.81
N MET E 76 -12.07 29.41 3.35
CA MET E 76 -12.27 27.98 3.13
C MET E 76 -11.42 27.47 1.98
N SER E 77 -11.47 28.13 0.82
CA SER E 77 -10.82 27.67 -0.40
C SER E 77 -9.31 27.85 -0.39
N VAL E 78 -8.74 28.49 0.61
CA VAL E 78 -7.30 28.41 0.83
C VAL E 78 -6.95 27.45 1.97
N GLY E 79 -7.62 27.56 3.12
CA GLY E 79 -7.34 26.67 4.24
C GLY E 79 -7.55 25.19 3.96
N GLY E 80 -8.78 24.80 3.63
CA GLY E 80 -9.04 23.40 3.35
C GLY E 80 -8.32 22.90 2.11
N ASN E 81 -8.13 23.78 1.14
CA ASN E 81 -7.45 23.37 -0.08
C ASN E 81 -5.96 23.10 0.15
N MET E 82 -5.28 23.97 0.91
CA MET E 82 -3.90 23.69 1.28
C MET E 82 -3.81 22.49 2.20
N LEU E 83 -4.84 22.25 3.03
CA LEU E 83 -4.86 21.02 3.81
C LEU E 83 -4.91 19.80 2.90
N ILE E 84 -5.71 19.86 1.84
CA ILE E 84 -5.76 18.78 0.85
C ILE E 84 -4.41 18.60 0.17
N ILE E 85 -3.77 19.70 -0.21
CA ILE E 85 -2.46 19.62 -0.88
C ILE E 85 -1.42 19.01 0.06
N VAL E 86 -1.49 19.35 1.34
CA VAL E 86 -0.56 18.77 2.33
C VAL E 86 -0.82 17.28 2.48
N VAL E 87 -2.10 16.88 2.63
CA VAL E 87 -2.43 15.48 2.86
C VAL E 87 -2.08 14.62 1.65
N LEU E 88 -2.42 15.11 0.45
CA LEU E 88 -2.11 14.40 -0.78
C LEU E 88 -0.65 14.55 -1.20
N GLY E 89 0.12 15.40 -0.52
CA GLY E 89 1.53 15.55 -0.81
C GLY E 89 2.33 14.35 -0.38
N LEU E 90 2.34 14.04 0.91
CA LEU E 90 3.00 12.84 1.40
C LEU E 90 2.05 11.67 1.27
N SER E 91 2.52 10.58 0.68
CA SER E 91 1.70 9.39 0.50
C SER E 91 1.51 8.68 1.84
N ARG E 92 0.27 8.64 2.32
CA ARG E 92 -0.08 7.96 3.55
C ARG E 92 -1.03 6.80 3.26
N ARG E 93 -0.73 6.05 2.20
CA ARG E 93 -1.44 4.89 1.67
C ARG E 93 -2.83 5.23 1.12
N LEU E 94 -3.25 6.49 1.16
CA LEU E 94 -4.51 6.93 0.58
C LEU E 94 -4.31 7.80 -0.65
N ARG E 95 -3.15 7.76 -1.27
CA ARG E 95 -2.89 8.45 -2.52
C ARG E 95 -3.03 7.45 -3.67
N THR E 96 -3.91 7.76 -4.62
CA THR E 96 -4.18 6.90 -5.77
C THR E 96 -4.13 7.73 -7.05
N VAL E 97 -4.64 7.17 -8.15
CA VAL E 97 -4.69 7.91 -9.41
C VAL E 97 -5.65 9.09 -9.29
N THR E 98 -6.85 8.83 -8.79
CA THR E 98 -7.81 9.90 -8.61
C THR E 98 -7.37 10.89 -7.55
N ASN E 99 -6.57 10.45 -6.56
CA ASN E 99 -6.03 11.40 -5.60
C ASN E 99 -4.92 12.25 -6.21
N ALA E 100 -4.18 11.72 -7.18
CA ALA E 100 -3.26 12.55 -7.94
C ALA E 100 -4.01 13.61 -8.74
N PHE E 101 -5.13 13.22 -9.34
CA PHE E 101 -5.94 14.19 -10.06
C PHE E 101 -6.57 15.22 -9.12
N LEU E 102 -6.94 14.79 -7.91
CA LEU E 102 -7.42 15.73 -6.89
C LEU E 102 -6.30 16.66 -6.44
N LEU E 103 -5.06 16.17 -6.39
CA LEU E 103 -3.94 17.04 -6.07
C LEU E 103 -3.74 18.11 -7.14
N SER E 104 -3.84 17.71 -8.42
CA SER E 104 -3.73 18.69 -9.50
C SER E 104 -4.88 19.69 -9.46
N LEU E 105 -6.10 19.21 -9.21
CA LEU E 105 -7.26 20.09 -9.14
C LEU E 105 -7.18 21.02 -7.93
N ALA E 106 -6.63 20.52 -6.81
CA ALA E 106 -6.44 21.35 -5.64
C ALA E 106 -5.39 22.43 -5.88
N VAL E 107 -4.31 22.10 -6.59
CA VAL E 107 -3.33 23.12 -6.96
C VAL E 107 -3.98 24.17 -7.85
N SER E 108 -4.78 23.72 -8.82
CA SER E 108 -5.46 24.67 -9.72
C SER E 108 -6.45 25.56 -8.97
N ASP E 109 -7.21 24.98 -8.04
CA ASP E 109 -8.20 25.75 -7.31
C ASP E 109 -7.55 26.68 -6.28
N LEU E 110 -6.43 26.26 -5.70
CA LEU E 110 -5.69 27.17 -4.83
C LEU E 110 -5.10 28.33 -5.62
N LEU E 111 -4.61 28.06 -6.84
CA LEU E 111 -4.14 29.13 -7.70
C LEU E 111 -5.29 30.06 -8.08
N LEU E 112 -6.48 29.51 -8.30
CA LEU E 112 -7.68 30.33 -8.53
C LEU E 112 -7.98 31.19 -7.32
N ALA E 113 -7.93 30.60 -6.11
CA ALA E 113 -8.30 31.32 -4.90
C ALA E 113 -7.32 32.44 -4.58
N VAL E 114 -6.02 32.19 -4.76
CA VAL E 114 -5.03 33.20 -4.40
C VAL E 114 -4.80 34.21 -5.54
N ALA E 115 -5.14 33.84 -6.77
CA ALA E 115 -4.85 34.70 -7.90
C ALA E 115 -6.05 35.52 -8.37
N CYS E 116 -7.28 35.05 -8.16
CA CYS E 116 -8.45 35.69 -8.75
C CYS E 116 -9.13 36.67 -7.80
N MET E 117 -9.61 36.18 -6.65
CA MET E 117 -10.64 36.92 -5.92
C MET E 117 -10.14 38.21 -5.27
N PRO E 118 -8.95 38.31 -4.64
CA PRO E 118 -8.49 39.64 -4.22
C PRO E 118 -8.07 40.49 -5.38
N PHE E 119 -7.76 39.90 -6.52
CA PHE E 119 -7.22 40.61 -7.67
C PHE E 119 -8.27 40.96 -8.70
N THR E 120 -9.50 40.47 -8.52
CA THR E 120 -10.66 40.88 -9.30
C THR E 120 -11.68 41.66 -8.46
N LEU E 121 -11.74 41.39 -7.16
CA LEU E 121 -12.57 42.19 -6.26
C LEU E 121 -12.11 43.65 -6.23
N LEU E 122 -10.80 43.87 -6.08
CA LEU E 122 -10.27 45.22 -6.00
C LEU E 122 -10.49 46.09 -7.23
N PRO E 123 -10.37 45.61 -8.49
CA PRO E 123 -10.80 46.45 -9.62
C PRO E 123 -12.28 46.81 -9.60
N ASN E 124 -13.11 46.09 -8.85
CA ASN E 124 -14.50 46.45 -8.65
C ASN E 124 -14.76 47.16 -7.32
N LEU E 125 -14.12 46.71 -6.24
CA LEU E 125 -14.37 47.32 -4.94
C LEU E 125 -13.73 48.70 -4.82
N MET E 126 -12.57 48.90 -5.44
CA MET E 126 -11.94 50.21 -5.48
C MET E 126 -12.20 50.97 -6.77
N GLY E 127 -12.55 50.26 -7.85
CA GLY E 127 -12.81 50.90 -9.13
C GLY E 127 -11.58 51.18 -9.96
N THR E 128 -10.39 50.88 -9.45
CA THR E 128 -9.14 51.11 -10.16
C THR E 128 -8.22 49.92 -9.92
N PHE E 129 -7.29 49.72 -10.85
CA PHE E 129 -6.28 48.68 -10.70
C PHE E 129 -5.02 49.32 -10.11
N ILE E 130 -4.75 49.02 -8.84
CA ILE E 130 -3.61 49.59 -8.14
C ILE E 130 -2.31 49.05 -8.73
N PHE E 131 -2.30 47.79 -9.13
CA PHE E 131 -1.08 47.10 -9.52
C PHE E 131 -0.64 47.54 -10.92
N GLY E 132 0.51 47.02 -11.35
CA GLY E 132 1.13 47.44 -12.58
C GLY E 132 0.80 46.53 -13.76
N THR E 133 1.37 46.89 -14.91
CA THR E 133 1.04 46.19 -16.15
C THR E 133 1.63 44.78 -16.19
N VAL E 134 2.87 44.62 -15.70
CA VAL E 134 3.48 43.29 -15.71
C VAL E 134 2.79 42.38 -14.68
N ILE E 135 2.37 42.96 -13.55
CA ILE E 135 1.56 42.21 -12.59
C ILE E 135 0.23 41.83 -13.22
N CYS E 136 -0.37 42.74 -13.99
CA CYS E 136 -1.63 42.45 -14.66
C CYS E 136 -1.49 41.31 -15.67
N LYS E 137 -0.39 41.28 -16.44
CA LYS E 137 -0.20 40.21 -17.41
C LYS E 137 0.10 38.87 -16.73
N ALA E 138 0.89 38.89 -15.65
CA ALA E 138 1.16 37.64 -14.92
C ALA E 138 -0.10 37.09 -14.28
N VAL E 139 -0.93 37.96 -13.71
CA VAL E 139 -2.19 37.53 -13.11
C VAL E 139 -3.16 37.07 -14.18
N SER E 140 -3.10 37.66 -15.38
CA SER E 140 -3.91 37.17 -16.49
C SER E 140 -3.47 35.77 -16.91
N TYR E 141 -2.16 35.51 -16.95
CA TYR E 141 -1.71 34.15 -17.23
C TYR E 141 -2.19 33.20 -16.15
N LEU E 142 -2.13 33.62 -14.89
CA LEU E 142 -2.65 32.79 -13.81
C LEU E 142 -4.14 32.55 -13.97
N MET E 143 -4.88 33.58 -14.42
CA MET E 143 -6.34 33.44 -14.66
C MET E 143 -6.56 32.32 -15.66
N GLY E 144 -5.96 32.44 -16.85
CA GLY E 144 -6.20 31.48 -17.91
C GLY E 144 -5.74 30.08 -17.56
N VAL E 145 -4.53 29.96 -16.99
CA VAL E 145 -4.02 28.63 -16.68
C VAL E 145 -4.84 27.99 -15.58
N SER E 146 -5.32 28.77 -14.60
CA SER E 146 -6.06 28.16 -13.50
C SER E 146 -7.45 27.75 -13.94
N VAL E 147 -8.13 28.58 -14.75
CA VAL E 147 -9.47 28.19 -15.21
C VAL E 147 -9.39 26.99 -16.16
N SER E 148 -8.42 26.99 -17.08
CA SER E 148 -8.34 25.90 -18.04
C SER E 148 -7.91 24.61 -17.37
N VAL E 149 -6.95 24.68 -16.44
CA VAL E 149 -6.51 23.48 -15.73
C VAL E 149 -7.61 22.97 -14.81
N SER E 150 -8.38 23.87 -14.17
CA SER E 150 -9.45 23.42 -13.29
C SER E 150 -10.55 22.71 -14.06
N THR E 151 -10.99 23.28 -15.19
CA THR E 151 -12.03 22.63 -15.99
C THR E 151 -11.53 21.33 -16.60
N LEU E 152 -10.32 21.34 -17.19
CA LEU E 152 -9.80 20.13 -17.81
C LEU E 152 -9.45 19.07 -16.78
N SER E 153 -9.12 19.47 -15.55
CA SER E 153 -8.87 18.50 -14.49
C SER E 153 -10.16 17.90 -13.97
N LEU E 154 -11.23 18.70 -13.92
CA LEU E 154 -12.54 18.15 -13.58
C LEU E 154 -12.98 17.13 -14.63
N VAL E 155 -12.75 17.46 -15.91
CA VAL E 155 -13.05 16.53 -16.99
C VAL E 155 -12.15 15.31 -16.92
N ALA E 156 -10.90 15.49 -16.51
CA ALA E 156 -10.00 14.36 -16.35
C ALA E 156 -10.46 13.42 -15.24
N ILE E 157 -10.90 13.96 -14.11
CA ILE E 157 -11.45 13.11 -13.06
C ILE E 157 -12.72 12.42 -13.52
N ALA E 158 -13.53 13.09 -14.36
CA ALA E 158 -14.74 12.49 -14.88
C ALA E 158 -14.43 11.33 -15.83
N LEU E 159 -13.52 11.55 -16.79
CA LEU E 159 -13.15 10.50 -17.73
C LEU E 159 -12.42 9.35 -17.04
N GLU E 160 -11.62 9.64 -16.02
CA GLU E 160 -10.90 8.55 -15.38
C GLU E 160 -11.82 7.75 -14.45
N ARG E 161 -12.83 8.39 -13.86
CA ARG E 161 -13.87 7.62 -13.17
C ARG E 161 -14.72 6.83 -14.16
N TYR E 162 -14.92 7.40 -15.35
CA TYR E 162 -15.62 6.69 -16.41
C TYR E 162 -14.83 5.48 -16.89
N SER E 163 -13.51 5.54 -16.82
CA SER E 163 -12.71 4.36 -17.14
C SER E 163 -12.60 3.40 -15.96
N ALA E 164 -12.68 3.91 -14.72
CA ALA E 164 -12.53 3.07 -13.55
C ALA E 164 -13.77 2.23 -13.27
N ILE E 165 -14.96 2.78 -13.48
CA ILE E 165 -16.19 2.05 -13.20
C ILE E 165 -16.80 1.44 -14.45
N CYS E 166 -16.85 2.19 -15.55
CA CYS E 166 -17.23 1.63 -16.84
C CYS E 166 -15.96 1.11 -17.50
N ARG E 167 -16.04 -0.10 -18.08
CA ARG E 167 -14.89 -0.83 -18.62
C ARG E 167 -13.77 -0.93 -17.58
N PRO E 168 -13.99 -1.65 -16.47
CA PRO E 168 -12.95 -1.69 -15.42
C PRO E 168 -11.69 -2.41 -15.84
N LEU E 169 -11.76 -3.31 -16.83
CA LEU E 169 -10.58 -4.03 -17.29
C LEU E 169 -9.58 -3.09 -17.94
N GLN E 170 -10.07 -2.11 -18.70
CA GLN E 170 -9.16 -1.10 -19.27
C GLN E 170 -8.52 -0.26 -18.19
N ALA E 171 -9.23 -0.02 -17.08
CA ALA E 171 -8.62 0.64 -15.93
C ALA E 171 -7.52 -0.22 -15.33
N ARG E 172 -7.78 -1.53 -15.17
CA ARG E 172 -6.74 -2.40 -14.65
C ARG E 172 -5.55 -2.48 -15.61
N VAL E 173 -5.80 -2.27 -16.91
CA VAL E 173 -4.72 -2.27 -17.89
C VAL E 173 -3.87 -1.01 -17.75
N TRP E 174 -4.48 0.18 -17.85
CA TRP E 174 -3.69 1.40 -18.02
C TRP E 174 -3.94 2.51 -17.02
N GLN E 175 -4.78 2.32 -16.00
CA GLN E 175 -5.02 3.38 -15.02
C GLN E 175 -3.94 3.28 -13.94
N THR E 176 -2.80 3.90 -14.20
CA THR E 176 -1.68 3.92 -13.26
C THR E 176 -1.31 5.37 -12.94
N ARG E 177 -0.49 5.53 -11.89
CA ARG E 177 -0.06 6.85 -11.47
C ARG E 177 0.80 7.54 -12.52
N SER E 178 1.53 6.77 -13.32
CA SER E 178 2.28 7.35 -14.44
C SER E 178 1.35 8.00 -15.45
N HIS E 179 0.23 7.34 -15.76
CA HIS E 179 -0.76 7.94 -16.65
C HIS E 179 -1.40 9.18 -16.02
N ALA E 180 -1.60 9.16 -14.70
CA ALA E 180 -2.13 10.33 -14.01
C ALA E 180 -1.19 11.52 -14.15
N ALA E 181 0.11 11.30 -13.95
CA ALA E 181 1.09 12.37 -14.09
C ALA E 181 1.16 12.85 -15.54
N ARG E 182 1.08 11.93 -16.50
CA ARG E 182 1.12 12.29 -17.92
C ARG E 182 -0.07 13.16 -18.29
N VAL E 183 -1.27 12.80 -17.83
CA VAL E 183 -2.46 13.59 -18.13
C VAL E 183 -2.39 14.94 -17.44
N ILE E 184 -1.93 14.99 -16.19
CA ILE E 184 -1.82 16.27 -15.47
C ILE E 184 -0.87 17.22 -16.20
N VAL E 185 0.29 16.72 -16.59
CA VAL E 185 1.26 17.53 -17.32
C VAL E 185 0.69 17.95 -18.68
N ALA E 186 -0.07 17.07 -19.33
CA ALA E 186 -0.67 17.39 -20.62
C ALA E 186 -1.68 18.53 -20.50
N THR E 187 -2.56 18.48 -19.49
CA THR E 187 -3.53 19.56 -19.32
C THR E 187 -2.85 20.88 -18.95
N TRP E 188 -1.83 20.84 -18.09
CA TRP E 188 -1.13 22.09 -17.74
C TRP E 188 -0.44 22.69 -18.97
N LEU E 189 0.23 21.86 -19.77
CA LEU E 189 0.90 22.37 -20.96
C LEU E 189 -0.09 22.88 -22.00
N LEU E 190 -1.20 22.17 -22.20
CA LEU E 190 -2.21 22.63 -23.15
C LEU E 190 -2.86 23.92 -22.69
N SER E 191 -3.10 24.06 -21.39
CA SER E 191 -3.64 25.30 -20.84
C SER E 191 -2.69 26.46 -21.09
N GLY E 192 -1.39 26.25 -20.82
CA GLY E 192 -0.42 27.30 -21.07
C GLY E 192 -0.35 27.71 -22.53
N LEU E 193 -0.34 26.72 -23.43
CA LEU E 193 -0.27 27.01 -24.86
C LEU E 193 -1.52 27.73 -25.35
N LEU E 194 -2.70 27.32 -24.87
CA LEU E 194 -3.93 27.97 -25.33
C LEU E 194 -4.12 29.35 -24.73
N MET E 195 -3.57 29.61 -23.54
CA MET E 195 -3.71 30.92 -22.92
C MET E 195 -2.45 31.79 -23.02
N VAL E 196 -1.51 31.45 -23.90
CA VAL E 196 -0.51 32.45 -24.34
C VAL E 196 -1.14 33.77 -24.83
N PRO E 197 -2.19 33.78 -25.68
CA PRO E 197 -2.76 35.08 -26.10
C PRO E 197 -3.36 35.88 -24.97
N TYR E 198 -3.65 35.28 -23.82
CA TYR E 198 -4.20 36.02 -22.70
C TYR E 198 -3.23 37.06 -22.14
N PRO E 199 -1.94 36.77 -21.85
CA PRO E 199 -1.00 37.86 -21.56
C PRO E 199 -0.37 38.49 -22.78
N VAL E 200 -0.46 37.87 -23.97
CA VAL E 200 -0.03 38.61 -25.16
C VAL E 200 -0.88 39.86 -25.35
N TYR E 201 -2.18 39.79 -25.05
CA TYR E 201 -3.11 40.85 -25.42
C TYR E 201 -3.86 41.49 -24.24
N THR E 202 -3.37 41.35 -23.01
CA THR E 202 -4.01 42.06 -21.90
C THR E 202 -3.37 43.41 -21.61
N VAL E 203 -3.21 44.22 -22.65
CA VAL E 203 -2.54 45.50 -22.52
C VAL E 203 -3.38 46.45 -21.67
N VAL E 204 -2.76 46.97 -20.60
CA VAL E 204 -3.45 47.87 -19.69
C VAL E 204 -3.56 49.25 -20.34
N GLN E 205 -4.78 49.73 -20.50
CA GLN E 205 -5.04 51.02 -21.11
C GLN E 205 -5.65 51.96 -20.08
N PRO E 206 -5.16 53.20 -19.97
CA PRO E 206 -5.81 54.16 -19.08
C PRO E 206 -7.20 54.51 -19.56
N VAL E 207 -8.21 54.05 -18.82
CA VAL E 207 -9.61 54.27 -19.19
C VAL E 207 -10.07 55.53 -18.46
N GLY E 208 -10.24 56.61 -19.21
CA GLY E 208 -10.53 57.89 -18.61
C GLY E 208 -9.26 58.59 -18.19
N PRO E 209 -9.36 59.55 -17.27
CA PRO E 209 -8.14 60.26 -16.84
C PRO E 209 -7.17 59.42 -16.03
N ARG E 210 -7.64 58.76 -14.96
CA ARG E 210 -6.71 58.12 -14.03
C ARG E 210 -7.18 56.75 -13.56
N VAL E 211 -7.96 56.04 -14.36
CA VAL E 211 -8.52 54.75 -13.97
C VAL E 211 -7.92 53.67 -14.87
N LEU E 212 -7.37 52.62 -14.24
CA LEU E 212 -6.79 51.49 -14.93
C LEU E 212 -7.67 50.27 -14.70
N GLN E 213 -7.93 49.50 -15.77
CA GLN E 213 -8.93 48.44 -15.71
C GLN E 213 -8.48 47.09 -16.27
N CYS E 214 -7.29 46.99 -16.87
CA CYS E 214 -6.78 45.78 -17.53
C CYS E 214 -7.73 45.28 -18.62
N VAL E 215 -7.87 46.09 -19.66
CA VAL E 215 -8.70 45.75 -20.80
C VAL E 215 -7.98 44.71 -21.65
N HIS E 216 -8.75 43.84 -22.30
CA HIS E 216 -8.22 42.82 -23.18
C HIS E 216 -8.40 43.31 -24.62
N ARG E 217 -7.44 44.11 -25.08
CA ARG E 217 -7.50 44.61 -26.44
C ARG E 217 -7.06 43.53 -27.42
N TRP E 218 -7.80 43.40 -28.52
CA TRP E 218 -7.50 42.46 -29.59
C TRP E 218 -7.38 43.22 -30.92
N PRO E 219 -6.53 42.75 -31.84
CA PRO E 219 -6.30 43.54 -33.07
C PRO E 219 -7.51 43.63 -33.98
N SER E 220 -8.23 42.53 -34.17
CA SER E 220 -9.45 42.53 -34.96
C SER E 220 -10.57 41.98 -34.09
N ALA E 221 -11.78 42.50 -34.30
CA ALA E 221 -12.94 42.04 -33.55
C ALA E 221 -13.22 40.57 -33.82
N ARG E 222 -13.11 40.17 -35.10
CA ARG E 222 -13.35 38.79 -35.51
C ARG E 222 -12.47 37.82 -34.74
N VAL E 223 -11.21 38.18 -34.51
CA VAL E 223 -10.33 37.37 -33.68
C VAL E 223 -10.85 37.32 -32.23
N ARG E 224 -11.41 38.43 -31.75
CA ARG E 224 -11.89 38.47 -30.36
C ARG E 224 -13.06 37.52 -30.15
N GLN E 225 -14.10 37.60 -31.00
CA GLN E 225 -15.20 36.65 -30.79
C GLN E 225 -14.84 35.24 -31.23
N THR E 226 -13.89 35.07 -32.16
CA THR E 226 -13.45 33.73 -32.53
C THR E 226 -12.76 33.04 -31.35
N TRP E 227 -11.84 33.75 -30.69
CA TRP E 227 -11.22 33.20 -29.50
C TRP E 227 -12.20 33.05 -28.35
N SER E 228 -13.19 33.94 -28.25
CA SER E 228 -14.18 33.84 -27.19
C SER E 228 -15.04 32.59 -27.35
N VAL E 229 -15.50 32.32 -28.57
CA VAL E 229 -16.28 31.09 -28.76
C VAL E 229 -15.38 29.86 -28.67
N LEU E 230 -14.09 29.99 -29.05
CA LEU E 230 -13.15 28.89 -28.84
C LEU E 230 -13.05 28.53 -27.37
N LEU E 231 -12.91 29.54 -26.52
CA LEU E 231 -12.90 29.31 -25.07
C LEU E 231 -14.23 28.77 -24.58
N LEU E 232 -15.35 29.28 -25.12
CA LEU E 232 -16.67 28.86 -24.66
C LEU E 232 -16.93 27.38 -24.93
N LEU E 233 -16.60 26.91 -26.14
CA LEU E 233 -16.78 25.50 -26.43
C LEU E 233 -15.71 24.64 -25.76
N LEU E 234 -14.44 25.07 -25.78
CA LEU E 234 -13.36 24.21 -25.32
C LEU E 234 -13.17 24.22 -23.82
N LEU E 235 -13.88 25.08 -23.08
CA LEU E 235 -13.78 25.06 -21.63
C LEU E 235 -15.11 24.92 -20.91
N PHE E 236 -16.23 25.19 -21.57
CA PHE E 236 -17.53 25.06 -20.93
C PHE E 236 -18.46 24.09 -21.64
N PHE E 237 -18.63 24.22 -22.95
CA PHE E 237 -19.60 23.40 -23.66
C PHE E 237 -19.14 21.96 -23.77
N ILE E 238 -18.03 21.73 -24.48
CA ILE E 238 -17.51 20.36 -24.64
C ILE E 238 -17.07 19.75 -23.32
N PRO E 239 -16.30 20.43 -22.45
CA PRO E 239 -16.04 19.85 -21.12
C PRO E 239 -17.29 19.59 -20.28
N GLY E 240 -18.29 20.46 -20.39
CA GLY E 240 -19.53 20.24 -19.64
C GLY E 240 -20.27 19.01 -20.09
N VAL E 241 -20.41 18.84 -21.41
CA VAL E 241 -21.14 17.67 -21.92
C VAL E 241 -20.33 16.39 -21.70
N VAL E 242 -18.99 16.48 -21.74
CA VAL E 242 -18.16 15.29 -21.49
C VAL E 242 -18.31 14.84 -20.04
N MET E 243 -18.24 15.78 -19.09
CA MET E 243 -18.40 15.39 -17.70
C MET E 243 -19.83 14.93 -17.39
N ALA E 244 -20.83 15.54 -18.02
CA ALA E 244 -22.21 15.12 -17.84
C ALA E 244 -22.44 13.71 -18.35
N VAL E 245 -21.95 13.42 -19.56
CA VAL E 245 -22.10 12.08 -20.13
C VAL E 245 -21.35 11.05 -19.30
N ALA E 246 -20.14 11.40 -18.84
CA ALA E 246 -19.35 10.47 -18.04
C ALA E 246 -20.04 10.13 -16.73
N TYR E 247 -20.54 11.12 -15.99
CA TYR E 247 -21.20 10.75 -14.74
C TYR E 247 -22.59 10.18 -14.94
N GLY E 248 -23.24 10.43 -16.08
CA GLY E 248 -24.47 9.74 -16.39
C GLY E 248 -24.23 8.26 -16.62
N LEU E 249 -23.15 7.95 -17.34
CA LEU E 249 -22.79 6.55 -17.56
C LEU E 249 -22.37 5.87 -16.26
N ILE E 250 -21.66 6.59 -15.38
CA ILE E 250 -21.33 6.02 -14.08
C ILE E 250 -22.58 5.73 -13.25
N SER E 251 -23.56 6.63 -13.27
CA SER E 251 -24.80 6.37 -12.54
C SER E 251 -25.58 5.21 -13.15
N ARG E 252 -25.59 5.13 -14.49
CA ARG E 252 -26.33 4.08 -15.16
C ARG E 252 -25.73 2.69 -14.89
N GLU E 253 -24.40 2.58 -14.95
CA GLU E 253 -23.76 1.30 -14.64
C GLU E 253 -23.70 1.02 -13.14
N LEU E 254 -23.82 2.05 -12.31
CA LEU E 254 -24.06 1.81 -10.90
C LEU E 254 -25.42 1.17 -10.68
N TYR E 255 -26.43 1.65 -11.41
CA TYR E 255 -27.77 1.07 -11.31
C TYR E 255 -27.82 -0.35 -11.89
N LEU E 256 -27.12 -0.56 -13.00
CA LEU E 256 -27.26 -1.77 -13.81
C LEU E 256 -26.15 -2.79 -13.57
N GLY E 257 -24.89 -2.36 -13.58
CA GLY E 257 -23.77 -3.30 -13.56
C GLY E 257 -23.66 -4.08 -12.27
N LEU E 258 -23.86 -3.42 -11.13
CA LEU E 258 -23.71 -4.07 -9.83
C LEU E 258 -24.86 -5.03 -9.55
N LEU E 335 -29.69 0.20 -1.02
CA LEU E 335 -28.35 0.47 -1.52
C LEU E 335 -28.02 1.96 -1.39
N ALA E 336 -26.86 2.25 -0.78
CA ALA E 336 -26.43 3.62 -0.55
C ALA E 336 -25.70 4.23 -1.74
N LYS E 337 -25.32 3.42 -2.72
CA LYS E 337 -24.68 3.98 -3.92
C LYS E 337 -25.69 4.77 -4.75
N LYS E 338 -26.96 4.34 -4.72
CA LYS E 338 -28.02 5.15 -5.34
C LYS E 338 -28.17 6.49 -4.64
N ARG E 339 -27.73 6.60 -3.38
CA ARG E 339 -27.78 7.86 -2.65
C ARG E 339 -26.56 8.74 -2.93
N VAL E 340 -25.44 8.18 -3.41
CA VAL E 340 -24.37 9.03 -3.91
C VAL E 340 -24.50 9.30 -5.40
N VAL E 341 -25.51 8.71 -6.06
CA VAL E 341 -25.92 9.25 -7.36
C VAL E 341 -26.40 10.70 -7.24
N ARG E 342 -26.91 11.09 -6.07
CA ARG E 342 -27.22 12.50 -5.82
C ARG E 342 -25.97 13.36 -5.87
N MET E 343 -24.88 12.89 -5.26
CA MET E 343 -23.62 13.63 -5.33
C MET E 343 -23.08 13.68 -6.75
N LEU E 344 -23.18 12.58 -7.49
CA LEU E 344 -22.79 12.61 -8.90
C LEU E 344 -23.67 13.56 -9.72
N LEU E 345 -24.91 13.79 -9.30
CA LEU E 345 -25.75 14.78 -9.96
C LEU E 345 -25.30 16.20 -9.63
N VAL E 346 -24.99 16.47 -8.35
CA VAL E 346 -24.62 17.83 -7.97
C VAL E 346 -23.29 18.23 -8.60
N ILE E 347 -22.37 17.27 -8.76
CA ILE E 347 -21.07 17.56 -9.39
C ILE E 347 -21.19 18.08 -10.81
N VAL E 348 -22.32 17.84 -11.48
CA VAL E 348 -22.51 18.29 -12.85
C VAL E 348 -23.44 19.49 -12.93
N VAL E 349 -24.58 19.42 -12.24
CA VAL E 349 -25.54 20.54 -12.36
C VAL E 349 -25.05 21.76 -11.59
N LEU E 350 -24.41 21.55 -10.43
CA LEU E 350 -23.82 22.65 -9.69
C LEU E 350 -22.61 23.21 -10.44
N PHE E 351 -21.91 22.37 -11.21
CA PHE E 351 -20.80 22.88 -12.02
C PHE E 351 -21.32 23.83 -13.09
N PHE E 352 -22.38 23.44 -13.81
CA PHE E 352 -22.98 24.39 -14.75
C PHE E 352 -23.51 25.63 -14.04
N LEU E 353 -24.12 25.46 -12.86
CA LEU E 353 -24.64 26.61 -12.13
C LEU E 353 -23.53 27.59 -11.74
N CYS E 354 -22.39 27.07 -11.32
CA CYS E 354 -21.28 27.94 -10.90
C CYS E 354 -20.59 28.57 -12.10
N TRP E 355 -20.43 27.82 -13.19
CA TRP E 355 -19.55 28.30 -14.26
C TRP E 355 -20.27 28.92 -15.45
N LEU E 356 -21.59 28.77 -15.55
CA LEU E 356 -22.33 29.37 -16.66
C LEU E 356 -22.31 30.90 -16.72
N PRO E 357 -22.57 31.65 -15.63
CA PRO E 357 -22.63 33.12 -15.77
C PRO E 357 -21.34 33.76 -16.25
N VAL E 358 -20.19 33.21 -15.85
CA VAL E 358 -18.90 33.79 -16.25
C VAL E 358 -18.71 33.71 -17.76
N TYR E 359 -18.90 32.51 -18.32
CA TYR E 359 -18.70 32.31 -19.75
C TYR E 359 -19.77 33.04 -20.57
N SER E 360 -21.02 33.03 -20.08
CA SER E 360 -22.08 33.76 -20.78
C SER E 360 -21.81 35.26 -20.79
N ALA E 361 -21.38 35.82 -19.66
CA ALA E 361 -21.05 37.24 -19.59
C ALA E 361 -19.88 37.59 -20.49
N ASN E 362 -18.87 36.73 -20.54
CA ASN E 362 -17.71 37.02 -21.39
C ASN E 362 -18.07 36.93 -22.87
N THR E 363 -18.94 35.99 -23.24
CA THR E 363 -19.41 35.90 -24.62
C THR E 363 -20.25 37.13 -24.99
N TRP E 364 -21.09 37.59 -24.07
CA TRP E 364 -21.88 38.79 -24.27
C TRP E 364 -20.97 40.01 -24.44
N ARG E 365 -19.90 40.06 -23.65
CA ARG E 365 -18.87 41.09 -23.80
C ARG E 365 -18.21 41.02 -25.17
N ALA E 366 -17.95 39.81 -25.65
CA ALA E 366 -17.23 39.64 -26.91
C ALA E 366 -18.04 40.15 -28.10
N PHE E 367 -19.29 39.72 -28.22
CA PHE E 367 -20.07 40.20 -29.37
C PHE E 367 -20.68 41.59 -29.16
N ASP E 368 -21.34 41.83 -28.03
CA ASP E 368 -22.08 43.07 -27.87
C ASP E 368 -21.15 44.29 -27.82
N GLY E 369 -19.98 44.14 -27.22
CA GLY E 369 -18.99 45.20 -27.19
C GLY E 369 -19.41 46.37 -26.34
N PRO E 370 -19.69 47.52 -26.98
CA PRO E 370 -20.17 48.69 -26.25
C PRO E 370 -21.52 48.43 -25.61
N GLY E 371 -21.60 48.67 -24.31
CA GLY E 371 -22.82 48.48 -23.54
C GLY E 371 -22.88 47.18 -22.76
N ALA E 372 -22.06 46.19 -23.10
CA ALA E 372 -22.03 44.96 -22.33
C ALA E 372 -21.49 45.17 -20.93
N HIS E 373 -20.57 46.13 -20.77
CA HIS E 373 -19.99 46.38 -19.46
C HIS E 373 -20.97 47.10 -18.54
N ARG E 374 -21.76 48.03 -19.09
CA ARG E 374 -22.62 48.87 -18.25
C ARG E 374 -23.70 48.06 -17.53
N ALA E 375 -24.16 46.97 -18.14
CA ALA E 375 -25.12 46.11 -17.46
C ALA E 375 -24.47 45.22 -16.41
N LEU E 376 -23.19 44.91 -16.57
CA LEU E 376 -22.47 43.98 -15.71
C LEU E 376 -21.19 44.62 -15.17
N SER E 377 -21.31 45.79 -14.57
CA SER E 377 -20.22 46.43 -13.86
C SER E 377 -20.57 46.55 -12.39
N GLY E 378 -19.56 46.39 -11.53
CA GLY E 378 -19.79 46.47 -10.10
C GLY E 378 -20.31 45.15 -9.54
N ALA E 379 -21.00 45.26 -8.40
CA ALA E 379 -21.55 44.16 -7.60
C ALA E 379 -22.16 43.02 -8.41
N PRO E 380 -23.01 43.26 -9.50
CA PRO E 380 -23.49 42.15 -10.32
C PRO E 380 -22.37 41.25 -10.86
N ILE E 381 -21.40 41.82 -11.59
CA ILE E 381 -20.34 40.96 -12.09
C ILE E 381 -19.47 40.50 -10.92
N SER E 382 -19.41 41.30 -9.86
CA SER E 382 -18.64 40.90 -8.69
C SER E 382 -19.32 39.81 -7.90
N PHE E 383 -20.55 39.46 -8.24
CA PHE E 383 -21.16 38.26 -7.71
C PHE E 383 -21.02 37.09 -8.67
N ILE E 384 -21.01 37.37 -9.98
CA ILE E 384 -20.93 36.31 -10.99
C ILE E 384 -19.64 35.53 -10.83
N HIS E 385 -18.52 36.25 -10.74
CA HIS E 385 -17.22 35.64 -10.49
C HIS E 385 -17.20 34.92 -9.16
N LEU E 386 -17.96 35.43 -8.17
CA LEU E 386 -18.05 34.78 -6.88
C LEU E 386 -18.63 33.37 -7.02
N LEU E 387 -19.62 33.21 -7.91
CA LEU E 387 -20.16 31.88 -8.18
C LEU E 387 -19.07 30.97 -8.71
N SER E 388 -18.24 31.49 -9.63
CA SER E 388 -17.10 30.75 -10.13
C SER E 388 -16.15 30.37 -9.00
N TYR E 389 -15.92 31.30 -8.07
CA TYR E 389 -15.01 31.01 -6.98
C TYR E 389 -15.68 30.09 -5.97
N ALA E 390 -17.03 30.12 -5.93
CA ALA E 390 -17.75 29.11 -5.18
C ALA E 390 -17.47 27.72 -5.70
N SER E 391 -17.20 27.60 -7.01
CA SER E 391 -16.71 26.35 -7.58
C SER E 391 -15.41 25.92 -6.91
N ALA E 392 -14.46 26.85 -6.79
CA ALA E 392 -13.23 26.57 -6.06
C ALA E 392 -13.49 26.36 -4.57
N CYS E 393 -14.67 26.78 -4.09
CA CYS E 393 -15.05 26.49 -2.71
C CYS E 393 -15.67 25.11 -2.57
N VAL E 394 -16.35 24.61 -3.62
CA VAL E 394 -17.09 23.37 -3.42
C VAL E 394 -16.28 22.13 -3.80
N ASN E 395 -15.32 22.26 -4.73
CA ASN E 395 -14.44 21.15 -5.08
C ASN E 395 -13.68 20.52 -3.92
N PRO E 396 -13.09 21.25 -2.95
CA PRO E 396 -12.56 20.52 -1.77
C PRO E 396 -13.63 19.81 -0.96
N LEU E 397 -14.84 20.35 -0.88
CA LEU E 397 -15.86 19.78 -0.01
C LEU E 397 -16.44 18.47 -0.54
N VAL E 398 -16.56 18.32 -1.86
CA VAL E 398 -17.30 17.21 -2.45
C VAL E 398 -16.43 15.96 -2.62
N TYR E 399 -15.32 16.07 -3.34
CA TYR E 399 -14.47 14.92 -3.59
C TYR E 399 -13.75 14.45 -2.34
N CYS E 400 -13.29 15.38 -1.51
CA CYS E 400 -12.41 15.03 -0.41
C CYS E 400 -13.08 15.13 0.96
N PHE E 401 -13.64 16.27 1.31
CA PHE E 401 -14.02 16.52 2.69
C PHE E 401 -15.26 15.77 3.11
N MET E 402 -16.16 15.47 2.16
CA MET E 402 -17.39 14.75 2.49
C MET E 402 -17.11 13.34 2.99
N HIS E 403 -16.23 12.61 2.31
CA HIS E 403 -16.00 11.21 2.63
C HIS E 403 -15.12 11.04 3.88
N ARG E 404 -15.32 9.90 4.55
CA ARG E 404 -14.66 9.59 5.81
C ARG E 404 -13.18 9.25 5.65
N ARG E 405 -12.77 8.78 4.47
CA ARG E 405 -11.38 8.40 4.24
C ARG E 405 -10.44 9.59 4.39
N PHE E 406 -10.85 10.77 3.95
CA PHE E 406 -9.98 11.93 4.09
C PHE E 406 -9.98 12.43 5.53
N ARG E 407 -11.08 12.22 6.26
CA ARG E 407 -11.05 12.50 7.69
C ARG E 407 -10.06 11.60 8.42
N GLN E 408 -10.00 10.32 8.02
CA GLN E 408 -9.00 9.43 8.59
C GLN E 408 -7.58 9.86 8.21
N ALA E 409 -7.40 10.33 6.97
CA ALA E 409 -6.11 10.88 6.55
C ALA E 409 -5.74 12.12 7.36
N CYS E 410 -6.74 12.95 7.68
CA CYS E 410 -6.53 14.11 8.54
C CYS E 410 -6.07 13.70 9.93
N LEU E 411 -6.70 12.66 10.48
CA LEU E 411 -6.30 12.17 11.79
C LEU E 411 -4.89 11.58 11.76
N GLU E 412 -4.55 10.87 10.68
CA GLU E 412 -3.20 10.31 10.55
C GLU E 412 -2.16 11.41 10.39
N THR E 413 -2.51 12.50 9.72
CA THR E 413 -1.60 13.63 9.59
C THR E 413 -1.31 14.27 10.93
N CYS E 414 -2.32 14.39 11.79
CA CYS E 414 -2.14 14.95 13.12
C CYS E 414 -1.34 14.01 14.02
#